data_4JIM
#
_entry.id   4JIM
#
_cell.length_a   161.192
_cell.length_b   161.192
_cell.length_c   256.903
_cell.angle_alpha   90.00
_cell.angle_beta   90.00
_cell.angle_gamma   120.00
#
_symmetry.space_group_name_H-M   'H 3 2'
#
loop_
_entity.id
_entity.type
_entity.pdbx_description
1 polymer 'Formate--tetrahydrofolate ligase'
2 non-polymer 2-[2-(2-METHOXY-ETHOXY)-ETHOXY]-ETHOXYL
3 non-polymer 'SULFATE ION'
4 water water
#
_entity_poly.entity_id   1
_entity_poly.type   'polypeptide(L)'
_entity_poly.pdbx_seq_one_letter_code
;MSKVPSDIEIAQAAKMKPVMELARGLGIQEDEVELYGKYKAKISLDVYRRLKDKPDGKLILVTAITPTPAGEGKTTTSVG
LTDALARLGKRVMVCLREPSLGPSFGIKGGAAGGGYAQVVPMEDINLHFTGDIHAVTYAHNLLAAMVDNHLQQGNVLNID
PRTITWRRVIDLNDRALRNIVIGLGGKANGVPRETGFDISVASEVMACLCLASDLMDLKERFSRIVVGYTYDGKPVTAGD
LEAQGSMALLMKDAIKPNLVQTLENTPAFIHGGPFANIAHGCNSIIATKTALKLADYVVTEAGFGADLGAEKFYDVKCRY
AGFKPDATVIVATVRALKMHGGVPKSDLATENLEALREGFANLEKHIENIGKFGVPAVVAINAFPTDTEAELNLLYELCA
KAGAEVALSEVWAKGGEGGLELARKVLQTLESRPSNFHVLYNLDLSIKDKIAKIATEIYGADGVNYTAEADKAIQRYESL
GYGNLPVVMAKTQYSFSDDMTKLGRPRNFTITVREVRLSAGAGFIVPITGAIMTMPGLPKRPAACNIDIDADGVITGLF
;
_entity_poly.pdbx_strand_id   A,B
#
# COMPACT_ATOMS: atom_id res chain seq x y z
N LYS A 3 -16.91 -0.48 -35.66
CA LYS A 3 -17.51 0.55 -34.71
C LYS A 3 -16.74 0.63 -33.36
N VAL A 4 -17.05 -0.30 -32.43
CA VAL A 4 -16.76 -0.17 -30.96
C VAL A 4 -15.28 0.08 -30.60
N PRO A 5 -14.97 1.26 -30.00
CA PRO A 5 -13.60 1.67 -29.66
C PRO A 5 -13.04 0.71 -28.71
N SER A 6 -11.81 0.97 -28.28
CA SER A 6 -11.11 0.07 -27.31
C SER A 6 -11.72 0.32 -26.00
N ASP A 7 -11.31 -0.44 -24.97
CA ASP A 7 -11.94 -0.33 -23.64
C ASP A 7 -11.45 0.88 -22.89
N ILE A 8 -10.15 1.14 -22.98
CA ILE A 8 -9.55 2.28 -22.24
C ILE A 8 -9.90 3.57 -23.01
N GLU A 9 -10.07 3.50 -24.34
CA GLU A 9 -10.59 4.64 -25.10
C GLU A 9 -12.01 4.99 -24.56
N ILE A 10 -12.86 3.96 -24.36
CA ILE A 10 -14.24 4.16 -23.90
C ILE A 10 -14.19 4.85 -22.56
N ALA A 11 -13.38 4.30 -21.68
CA ALA A 11 -13.37 4.77 -20.33
C ALA A 11 -12.91 6.24 -20.26
N GLN A 12 -11.92 6.63 -21.11
CA GLN A 12 -11.40 8.04 -21.16
C GLN A 12 -12.49 9.01 -21.53
N ALA A 13 -13.22 8.70 -22.59
CA ALA A 13 -14.38 9.52 -22.99
C ALA A 13 -15.55 9.52 -22.01
N ALA A 14 -15.53 8.70 -20.95
CA ALA A 14 -16.70 8.62 -20.05
C ALA A 14 -16.96 9.96 -19.42
N LYS A 15 -18.20 10.32 -19.25
CA LYS A 15 -18.52 11.52 -18.51
C LYS A 15 -19.01 11.06 -17.16
N MET A 16 -18.19 11.22 -16.14
CA MET A 16 -18.54 10.81 -14.80
C MET A 16 -19.25 11.91 -14.02
N LYS A 17 -20.17 11.53 -13.16
CA LYS A 17 -20.73 12.46 -12.21
C LYS A 17 -19.93 12.45 -10.94
N PRO A 18 -19.80 13.62 -10.29
CA PRO A 18 -19.17 13.62 -8.97
C PRO A 18 -19.90 12.65 -8.00
N VAL A 19 -19.14 11.80 -7.29
CA VAL A 19 -19.80 10.73 -6.55
C VAL A 19 -20.63 11.29 -5.41
N MET A 20 -20.29 12.49 -4.93
CA MET A 20 -21.11 13.10 -3.89
C MET A 20 -22.54 13.32 -4.37
N GLU A 21 -22.72 13.65 -5.64
CA GLU A 21 -24.11 13.80 -6.17
C GLU A 21 -24.77 12.42 -6.17
N LEU A 22 -24.04 11.38 -6.57
CA LEU A 22 -24.66 10.05 -6.60
C LEU A 22 -25.05 9.64 -5.19
N ALA A 23 -24.19 9.93 -4.24
CA ALA A 23 -24.47 9.56 -2.87
C ALA A 23 -25.70 10.28 -2.29
N ARG A 24 -25.76 11.59 -2.43
CA ARG A 24 -26.93 12.29 -1.95
C ARG A 24 -28.17 11.78 -2.69
N GLY A 25 -28.02 11.43 -3.97
CA GLY A 25 -29.13 10.83 -4.69
C GLY A 25 -29.69 9.54 -4.11
N LEU A 26 -28.82 8.78 -3.41
CA LEU A 26 -29.16 7.48 -2.84
C LEU A 26 -29.71 7.68 -1.46
N GLY A 27 -29.64 8.93 -0.99
CA GLY A 27 -30.02 9.30 0.36
C GLY A 27 -28.90 9.16 1.37
N ILE A 28 -27.65 9.09 0.90
CA ILE A 28 -26.53 9.07 1.81
C ILE A 28 -26.24 10.53 2.13
N GLN A 29 -25.95 10.78 3.41
CA GLN A 29 -25.63 12.10 3.93
C GLN A 29 -24.22 12.53 3.65
N GLU A 30 -24.02 13.83 3.59
CA GLU A 30 -22.72 14.38 3.28
C GLU A 30 -21.68 13.92 4.31
N ASP A 31 -22.08 13.79 5.57
CA ASP A 31 -21.11 13.36 6.61
C ASP A 31 -20.79 11.85 6.65
N GLU A 32 -21.44 11.08 5.78
CA GLU A 32 -21.24 9.67 5.66
C GLU A 32 -20.36 9.42 4.48
N VAL A 33 -19.89 10.46 3.80
CA VAL A 33 -19.10 10.32 2.57
C VAL A 33 -17.69 10.85 2.76
N GLU A 34 -16.65 10.03 2.49
CA GLU A 34 -15.25 10.48 2.46
C GLU A 34 -14.72 10.39 1.05
N LEU A 35 -14.51 11.55 0.46
CA LEU A 35 -14.07 11.61 -0.92
C LEU A 35 -12.60 11.25 -1.08
N TYR A 36 -12.29 10.66 -2.21
CA TYR A 36 -10.94 10.41 -2.69
C TYR A 36 -10.99 10.97 -4.10
N GLY A 37 -10.68 12.25 -4.23
CA GLY A 37 -10.99 12.97 -5.47
C GLY A 37 -12.50 13.10 -5.63
N LYS A 38 -12.94 13.52 -6.80
CA LYS A 38 -14.36 13.71 -6.93
C LYS A 38 -15.12 12.52 -7.46
N TYR A 39 -14.42 11.45 -7.89
CA TYR A 39 -15.09 10.34 -8.56
C TYR A 39 -14.99 8.99 -7.83
N LYS A 40 -14.53 9.05 -6.58
CA LYS A 40 -14.47 7.88 -5.69
C LYS A 40 -14.81 8.33 -4.30
N ALA A 41 -15.51 7.53 -3.53
CA ALA A 41 -15.73 7.82 -2.10
C ALA A 41 -15.86 6.57 -1.26
N LYS A 42 -15.58 6.71 0.04
CA LYS A 42 -15.83 5.65 0.99
C LYS A 42 -17.04 6.05 1.77
N ILE A 43 -17.97 5.11 1.96
CA ILE A 43 -19.22 5.38 2.65
C ILE A 43 -19.26 4.73 4.01
N SER A 44 -19.80 5.46 4.99
CA SER A 44 -19.76 5.00 6.36
C SER A 44 -20.70 3.84 6.61
N LEU A 45 -20.31 2.96 7.52
CA LEU A 45 -21.18 1.88 7.93
C LEU A 45 -22.32 2.41 8.80
N ASP A 46 -22.27 3.68 9.13
CA ASP A 46 -23.48 4.29 9.74
C ASP A 46 -24.71 4.27 8.86
N VAL A 47 -24.52 4.25 7.55
CA VAL A 47 -25.63 4.25 6.63
C VAL A 47 -26.41 2.98 6.84
N TYR A 48 -25.70 1.84 6.86
CA TYR A 48 -26.39 0.58 7.11
C TYR A 48 -27.11 0.62 8.42
N ARG A 49 -26.42 1.10 9.44
CA ARG A 49 -26.97 1.13 10.79
C ARG A 49 -28.19 1.94 10.83
N ARG A 50 -28.19 3.14 10.28
CA ARG A 50 -29.43 3.90 10.39
C ARG A 50 -30.56 3.38 9.47
N LEU A 51 -30.25 2.57 8.46
CA LEU A 51 -31.28 2.01 7.56
C LEU A 51 -31.61 0.53 7.83
N LYS A 52 -31.14 0.04 8.98
CA LYS A 52 -31.09 -1.36 9.34
C LYS A 52 -32.45 -2.01 9.32
N ASP A 53 -33.48 -1.25 9.66
CA ASP A 53 -34.82 -1.78 9.72
C ASP A 53 -35.64 -1.51 8.45
N LYS A 54 -35.11 -0.74 7.49
CA LYS A 54 -35.76 -0.67 6.17
C LYS A 54 -35.74 -2.04 5.44
N PRO A 55 -36.68 -2.23 4.53
CA PRO A 55 -36.68 -3.49 3.79
C PRO A 55 -35.54 -3.56 2.72
N ASP A 56 -35.08 -4.75 2.48
CA ASP A 56 -34.06 -5.02 1.48
C ASP A 56 -34.65 -4.97 0.09
N GLY A 57 -33.91 -4.46 -0.87
CA GLY A 57 -34.27 -4.59 -2.28
C GLY A 57 -34.15 -6.02 -2.80
N LYS A 58 -34.39 -6.20 -4.07
CA LYS A 58 -34.21 -7.47 -4.70
C LYS A 58 -32.73 -7.72 -4.98
N LEU A 59 -32.32 -8.95 -4.76
CA LEU A 59 -30.93 -9.36 -4.95
C LEU A 59 -30.75 -10.30 -6.18
N ILE A 60 -29.96 -9.83 -7.11
CA ILE A 60 -29.70 -10.54 -8.34
C ILE A 60 -28.25 -10.94 -8.45
N LEU A 61 -28.00 -12.22 -8.36
CA LEU A 61 -26.64 -12.70 -8.53
C LEU A 61 -26.40 -12.94 -10.03
N VAL A 62 -25.23 -12.50 -10.51
CA VAL A 62 -24.73 -12.88 -11.80
C VAL A 62 -23.60 -13.90 -11.73
N THR A 63 -23.76 -14.96 -12.48
CA THR A 63 -22.76 -16.05 -12.55
C THR A 63 -22.58 -16.46 -14.00
N ALA A 64 -21.86 -17.55 -14.25
CA ALA A 64 -21.58 -18.04 -15.61
C ALA A 64 -21.43 -19.55 -15.73
N ILE A 65 -21.39 -20.01 -16.95
CA ILE A 65 -21.03 -21.34 -17.22
C ILE A 65 -19.54 -21.56 -16.92
N THR A 66 -19.11 -22.80 -17.03
CA THR A 66 -17.75 -23.17 -16.74
C THR A 66 -16.85 -22.31 -17.66
N PRO A 67 -15.90 -21.59 -17.08
CA PRO A 67 -15.01 -20.81 -17.90
C PRO A 67 -14.16 -21.66 -18.89
N THR A 68 -13.86 -21.05 -20.03
CA THR A 68 -13.13 -21.64 -21.17
C THR A 68 -12.20 -20.62 -21.84
N PRO A 69 -11.23 -21.08 -22.64
CA PRO A 69 -10.45 -20.11 -23.47
C PRO A 69 -11.26 -19.13 -24.30
N ALA A 70 -12.48 -19.50 -24.76
CA ALA A 70 -13.33 -18.57 -25.51
C ALA A 70 -13.87 -17.33 -24.75
N GLY A 71 -14.01 -17.41 -23.45
CA GLY A 71 -14.49 -16.26 -22.67
C GLY A 71 -16.02 -16.27 -22.72
N GLU A 72 -16.61 -15.73 -21.64
CA GLU A 72 -18.09 -15.71 -21.47
C GLU A 72 -18.71 -14.27 -21.23
N GLY A 73 -17.89 -13.28 -20.84
CA GLY A 73 -18.34 -11.88 -20.56
C GLY A 73 -19.18 -11.61 -19.27
N LYS A 74 -18.81 -12.26 -18.16
CA LYS A 74 -19.59 -12.09 -16.87
C LYS A 74 -19.72 -10.68 -16.25
N THR A 75 -18.63 -10.04 -15.87
CA THR A 75 -18.73 -8.71 -15.27
C THR A 75 -19.37 -7.67 -16.21
N THR A 76 -19.12 -7.80 -17.50
CA THR A 76 -19.73 -6.94 -18.50
C THR A 76 -21.22 -7.09 -18.43
N THR A 77 -21.66 -8.33 -18.30
CA THR A 77 -23.07 -8.58 -18.16
C THR A 77 -23.64 -7.98 -16.90
N SER A 78 -22.95 -8.12 -15.78
CA SER A 78 -23.36 -7.49 -14.53
C SER A 78 -23.58 -5.99 -14.66
N VAL A 79 -22.60 -5.31 -15.27
CA VAL A 79 -22.67 -3.85 -15.34
C VAL A 79 -23.79 -3.46 -16.30
N GLY A 80 -23.84 -4.18 -17.41
CA GLY A 80 -24.80 -4.01 -18.48
C GLY A 80 -26.23 -4.21 -18.04
N LEU A 81 -26.45 -5.25 -17.26
CA LEU A 81 -27.75 -5.47 -16.63
C LEU A 81 -28.21 -4.29 -15.73
N THR A 82 -27.25 -3.78 -14.95
CA THR A 82 -27.42 -2.73 -14.00
C THR A 82 -27.87 -1.46 -14.72
N ASP A 83 -27.14 -1.13 -15.78
CA ASP A 83 -27.45 -0.01 -16.64
C ASP A 83 -28.79 -0.12 -17.35
N ALA A 84 -29.11 -1.33 -17.81
CA ALA A 84 -30.40 -1.59 -18.39
C ALA A 84 -31.52 -1.35 -17.37
N LEU A 85 -31.36 -1.91 -16.18
CA LEU A 85 -32.35 -1.66 -15.13
C LEU A 85 -32.53 -0.17 -14.82
N ALA A 86 -31.43 0.54 -14.64
CA ALA A 86 -31.48 2.00 -14.54
C ALA A 86 -32.26 2.70 -15.70
N ARG A 87 -31.96 2.38 -16.96
CA ARG A 87 -32.74 2.89 -18.11
C ARG A 87 -34.24 2.58 -18.03
N LEU A 88 -34.60 1.46 -17.39
CA LEU A 88 -36.00 1.08 -17.20
C LEU A 88 -36.61 1.74 -15.98
N GLY A 89 -35.87 2.66 -15.37
CA GLY A 89 -36.40 3.51 -14.35
C GLY A 89 -36.23 2.95 -12.95
N LYS A 90 -35.51 1.83 -12.83
CA LYS A 90 -35.35 1.19 -11.55
C LYS A 90 -34.27 1.82 -10.69
N ARG A 91 -34.49 1.78 -9.38
CA ARG A 91 -33.49 2.25 -8.43
C ARG A 91 -32.51 1.08 -8.10
N VAL A 92 -31.33 1.15 -8.68
CA VAL A 92 -30.44 0.00 -8.77
C VAL A 92 -28.99 0.36 -8.48
N MET A 93 -28.28 -0.60 -7.90
CA MET A 93 -26.83 -0.54 -7.74
C MET A 93 -26.23 -1.88 -8.14
N VAL A 94 -24.99 -1.84 -8.59
CA VAL A 94 -24.18 -3.03 -8.75
C VAL A 94 -23.07 -3.05 -7.71
N CYS A 95 -22.78 -4.22 -7.17
CA CYS A 95 -21.62 -4.45 -6.30
C CYS A 95 -20.62 -5.41 -6.98
N LEU A 96 -19.36 -5.00 -6.94
CA LEU A 96 -18.30 -5.73 -7.59
C LEU A 96 -17.04 -5.83 -6.74
N ARG A 97 -16.16 -6.74 -7.14
CA ARG A 97 -14.85 -6.95 -6.50
C ARG A 97 -13.81 -5.99 -7.02
N GLU A 98 -12.87 -5.66 -6.13
CA GLU A 98 -11.69 -4.87 -6.53
C GLU A 98 -10.64 -5.82 -7.10
N PRO A 99 -10.13 -5.54 -8.32
CA PRO A 99 -9.04 -6.40 -8.80
C PRO A 99 -7.72 -6.23 -8.06
N SER A 100 -6.95 -7.29 -8.10
CA SER A 100 -5.59 -7.24 -7.63
C SER A 100 -4.80 -6.34 -8.56
N LEU A 101 -3.83 -5.63 -7.97
CA LEU A 101 -2.93 -4.80 -8.73
C LEU A 101 -1.99 -5.66 -9.60
N GLY A 102 -1.57 -6.81 -9.11
CA GLY A 102 -0.56 -7.58 -9.79
C GLY A 102 -0.72 -7.87 -11.29
N PRO A 103 -1.87 -8.40 -11.71
CA PRO A 103 -2.11 -8.71 -13.12
C PRO A 103 -1.92 -7.57 -14.10
N SER A 104 -2.10 -6.33 -13.67
CA SER A 104 -1.77 -5.18 -14.55
C SER A 104 -0.35 -5.26 -15.12
N PHE A 105 0.59 -5.76 -14.32
CA PHE A 105 1.98 -5.75 -14.73
C PHE A 105 2.44 -7.07 -15.35
N GLY A 106 1.52 -8.02 -15.40
CA GLY A 106 1.78 -9.36 -15.90
C GLY A 106 1.15 -9.51 -17.24
N ILE A 107 -0.12 -9.79 -17.26
CA ILE A 107 -0.80 -9.91 -18.55
C ILE A 107 -1.80 -8.77 -18.79
N LYS A 108 -2.66 -8.49 -17.79
CA LYS A 108 -3.80 -7.55 -17.90
C LYS A 108 -3.25 -6.09 -17.85
N GLY A 109 -3.92 -5.09 -17.25
CA GLY A 109 -5.25 -5.20 -16.61
C GLY A 109 -6.31 -5.02 -17.69
N GLY A 110 -7.53 -4.76 -17.28
CA GLY A 110 -8.63 -4.59 -18.25
C GLY A 110 -9.74 -3.90 -17.52
N ALA A 111 -10.80 -3.55 -18.25
CA ALA A 111 -11.91 -2.81 -17.59
C ALA A 111 -12.55 -3.62 -16.49
N ALA A 112 -13.22 -2.93 -15.55
CA ALA A 112 -14.18 -3.62 -14.68
C ALA A 112 -15.43 -3.67 -15.52
N GLY A 113 -15.49 -4.70 -16.37
CA GLY A 113 -16.53 -4.91 -17.34
C GLY A 113 -15.83 -4.96 -18.68
N GLY A 114 -16.37 -4.31 -19.68
CA GLY A 114 -15.80 -4.32 -21.00
C GLY A 114 -16.64 -3.42 -21.89
N GLY A 115 -16.06 -2.92 -22.98
CA GLY A 115 -16.77 -2.10 -23.97
C GLY A 115 -17.64 -1.02 -23.34
N TYR A 116 -18.93 -0.97 -23.71
CA TYR A 116 -19.86 0.05 -23.14
C TYR A 116 -20.50 -0.32 -21.77
N ALA A 117 -20.02 -1.40 -21.15
CA ALA A 117 -20.45 -1.82 -19.80
C ALA A 117 -19.29 -1.84 -18.80
N GLN A 118 -18.94 -0.68 -18.27
CA GLN A 118 -17.82 -0.58 -17.38
C GLN A 118 -18.14 0.22 -16.15
N VAL A 119 -17.36 -0.04 -15.10
CA VAL A 119 -17.31 0.78 -13.93
C VAL A 119 -16.00 1.56 -13.94
N VAL A 120 -16.11 2.83 -13.51
CA VAL A 120 -15.03 3.84 -13.61
C VAL A 120 -14.90 4.70 -12.36
N PRO A 121 -13.73 5.34 -12.16
CA PRO A 121 -12.51 5.39 -13.02
C PRO A 121 -11.66 4.12 -13.13
N MET A 122 -11.41 3.70 -14.36
CA MET A 122 -10.81 2.39 -14.64
C MET A 122 -9.37 2.26 -14.13
N GLU A 123 -8.53 3.28 -14.40
CA GLU A 123 -7.13 3.22 -14.02
C GLU A 123 -6.98 3.11 -12.52
N ASP A 124 -7.74 3.91 -11.78
CA ASP A 124 -7.65 3.90 -10.34
C ASP A 124 -8.06 2.57 -9.74
N ILE A 125 -9.17 2.03 -10.28
CA ILE A 125 -9.71 0.74 -9.81
C ILE A 125 -8.69 -0.39 -9.92
N ASN A 126 -7.94 -0.39 -11.00
CA ASN A 126 -6.91 -1.36 -11.27
C ASN A 126 -5.62 -1.21 -10.54
N LEU A 127 -5.34 -0.01 -10.05
CA LEU A 127 -4.10 0.22 -9.37
C LEU A 127 -4.30 0.31 -7.88
N HIS A 128 -4.01 1.46 -7.27
CA HIS A 128 -4.10 1.57 -5.81
C HIS A 128 -5.51 1.70 -5.27
N PHE A 129 -6.40 2.19 -6.15
CA PHE A 129 -7.80 2.52 -5.84
C PHE A 129 -7.90 3.37 -4.59
N THR A 130 -8.61 2.94 -3.57
CA THR A 130 -8.67 3.68 -2.33
C THR A 130 -7.81 3.06 -1.24
N GLY A 131 -6.87 2.20 -1.63
CA GLY A 131 -5.89 1.64 -0.69
C GLY A 131 -6.26 0.41 0.15
N ASP A 132 -7.42 -0.18 -0.12
CA ASP A 132 -7.93 -1.33 0.64
C ASP A 132 -6.98 -2.52 0.58
N ILE A 133 -6.38 -2.80 -0.57
CA ILE A 133 -5.49 -3.96 -0.65
C ILE A 133 -4.19 -3.68 0.11
N HIS A 134 -3.77 -2.40 0.21
CA HIS A 134 -2.60 -2.12 1.02
C HIS A 134 -2.86 -2.34 2.47
N ALA A 135 -4.06 -2.00 2.90
CA ALA A 135 -4.46 -2.25 4.26
C ALA A 135 -4.45 -3.74 4.58
N VAL A 136 -5.05 -4.54 3.71
CA VAL A 136 -5.07 -6.01 3.83
C VAL A 136 -3.61 -6.52 3.95
N THR A 137 -2.73 -6.06 3.06
CA THR A 137 -1.35 -6.48 3.01
C THR A 137 -0.62 -6.24 4.31
N TYR A 138 -0.83 -5.06 4.85
CA TYR A 138 -0.18 -4.66 6.07
C TYR A 138 -0.74 -5.28 7.32
N ALA A 139 -2.04 -5.44 7.43
CA ALA A 139 -2.63 -6.18 8.53
C ALA A 139 -2.09 -7.63 8.58
N HIS A 140 -2.08 -8.24 7.41
CA HIS A 140 -1.58 -9.59 7.24
C HIS A 140 -0.10 -9.69 7.61
N ASN A 141 0.71 -8.79 7.08
CA ASN A 141 2.14 -8.82 7.33
C ASN A 141 2.50 -8.36 8.74
N LEU A 142 1.67 -7.51 9.35
CA LEU A 142 1.88 -7.19 10.76
C LEU A 142 1.75 -8.44 11.63
N LEU A 143 0.73 -9.24 11.35
CA LEU A 143 0.56 -10.45 12.08
C LEU A 143 1.78 -11.37 11.91
N ALA A 144 2.26 -11.52 10.69
CA ALA A 144 3.47 -12.35 10.49
C ALA A 144 4.65 -11.81 11.27
N ALA A 145 4.88 -10.49 11.21
CA ALA A 145 5.97 -9.87 11.96
C ALA A 145 5.89 -10.15 13.45
N MET A 146 4.66 -10.21 13.96
CA MET A 146 4.43 -10.44 15.37
C MET A 146 4.68 -11.88 15.75
N VAL A 147 4.35 -12.81 14.88
CA VAL A 147 4.64 -14.22 15.10
C VAL A 147 6.15 -14.43 15.19
N ASP A 148 6.87 -13.88 14.21
CA ASP A 148 8.30 -13.96 14.19
C ASP A 148 8.97 -13.31 15.38
N ASN A 149 8.48 -12.14 15.76
CA ASN A 149 8.98 -11.48 16.94
C ASN A 149 8.75 -12.33 18.21
N HIS A 150 7.62 -12.99 18.26
CA HIS A 150 7.30 -13.80 19.40
C HIS A 150 8.35 -14.93 19.62
N LEU A 151 8.71 -15.58 18.53
CA LEU A 151 9.76 -16.55 18.49
C LEU A 151 11.04 -15.92 18.96
N GLN A 152 11.35 -14.74 18.46
CA GLN A 152 12.59 -14.11 18.77
C GLN A 152 12.67 -13.78 20.24
N GLN A 153 11.56 -13.40 20.86
CA GLN A 153 11.62 -12.87 22.20
C GLN A 153 11.50 -13.96 23.23
N GLY A 154 11.84 -15.19 22.93
CA GLY A 154 11.74 -16.27 23.90
C GLY A 154 10.61 -17.27 23.76
N ASN A 155 9.72 -17.06 22.79
CA ASN A 155 8.73 -18.05 22.37
C ASN A 155 7.96 -18.57 23.54
N VAL A 156 7.39 -17.63 24.30
CA VAL A 156 6.61 -17.93 25.49
C VAL A 156 5.42 -18.84 25.22
N LEU A 157 4.79 -18.67 24.07
CA LEU A 157 3.65 -19.53 23.71
C LEU A 157 4.11 -20.91 23.22
N ASN A 158 5.42 -21.05 23.04
CA ASN A 158 5.95 -22.34 22.67
C ASN A 158 5.41 -22.84 21.31
N ILE A 159 5.38 -21.93 20.34
CA ILE A 159 5.04 -22.25 18.97
C ILE A 159 6.15 -23.09 18.34
N ASP A 160 5.82 -24.21 17.72
CA ASP A 160 6.79 -24.91 16.86
C ASP A 160 6.87 -24.17 15.49
N PRO A 161 8.03 -23.52 15.19
CA PRO A 161 8.08 -22.63 14.01
C PRO A 161 7.84 -23.36 12.73
N ARG A 162 8.09 -24.66 12.75
CA ARG A 162 7.95 -25.50 11.60
C ARG A 162 6.54 -25.85 11.27
N THR A 163 5.62 -25.44 12.11
CA THR A 163 4.18 -25.67 11.94
C THR A 163 3.37 -24.43 11.62
N ILE A 164 4.07 -23.31 11.47
CA ILE A 164 3.44 -22.05 11.16
C ILE A 164 2.84 -22.05 9.74
N THR A 165 1.54 -21.80 9.68
CA THR A 165 0.77 -21.79 8.45
C THR A 165 0.52 -20.37 7.93
N TRP A 166 0.69 -19.37 8.80
CA TRP A 166 0.52 -17.98 8.40
C TRP A 166 1.70 -17.51 7.55
N ARG A 167 1.46 -17.32 6.26
CA ARG A 167 2.53 -16.88 5.34
C ARG A 167 2.54 -15.36 5.29
N ARG A 168 3.30 -14.77 4.41
CA ARG A 168 3.25 -13.32 4.15
C ARG A 168 2.55 -13.07 2.84
N VAL A 169 2.26 -11.81 2.52
CA VAL A 169 1.67 -11.47 1.23
C VAL A 169 2.27 -10.22 0.60
N ILE A 170 2.11 -10.14 -0.71
CA ILE A 170 2.39 -8.97 -1.50
C ILE A 170 1.49 -9.02 -2.74
N ASP A 171 1.02 -7.85 -3.21
CA ASP A 171 0.06 -7.87 -4.32
C ASP A 171 0.67 -7.82 -5.72
N LEU A 172 1.75 -8.55 -5.90
CA LEU A 172 2.46 -8.65 -7.16
C LEU A 172 2.66 -10.11 -7.45
N ASN A 173 2.77 -10.43 -8.73
CA ASN A 173 3.01 -11.77 -9.17
C ASN A 173 4.46 -12.09 -9.06
N ASP A 174 4.86 -12.78 -7.99
CA ASP A 174 6.28 -13.00 -7.81
C ASP A 174 6.57 -14.41 -7.36
N ARG A 175 6.89 -15.25 -8.34
CA ARG A 175 7.03 -16.66 -8.08
C ARG A 175 8.23 -16.97 -7.14
N ALA A 176 9.23 -16.10 -7.13
CA ALA A 176 10.42 -16.33 -6.31
C ALA A 176 10.13 -16.21 -4.82
N LEU A 177 8.98 -15.69 -4.45
CA LEU A 177 8.60 -15.59 -3.07
C LEU A 177 7.69 -16.75 -2.64
N ARG A 178 7.42 -17.72 -3.51
CA ARG A 178 6.58 -18.86 -3.14
C ARG A 178 7.19 -19.70 -2.02
N ASN A 179 8.48 -19.98 -2.12
CA ASN A 179 9.17 -20.85 -1.14
C ASN A 179 10.46 -20.17 -0.75
N ILE A 180 10.50 -19.70 0.47
CA ILE A 180 11.64 -19.01 1.02
C ILE A 180 12.03 -19.57 2.41
N VAL A 181 13.20 -19.17 2.87
CA VAL A 181 13.66 -19.36 4.20
C VAL A 181 14.03 -18.00 4.76
N ILE A 182 13.44 -17.66 5.89
CA ILE A 182 13.67 -16.39 6.55
C ILE A 182 14.39 -16.61 7.90
N GLY A 183 14.67 -15.52 8.60
CA GLY A 183 15.22 -15.57 9.96
C GLY A 183 16.66 -15.95 10.03
N LEU A 184 17.40 -15.63 8.99
CA LEU A 184 18.80 -15.94 8.90
C LEU A 184 19.73 -14.82 9.38
N GLY A 185 20.97 -15.16 9.65
CA GLY A 185 21.94 -14.18 10.11
C GLY A 185 22.39 -14.27 11.56
N GLY A 186 21.84 -15.18 12.36
CA GLY A 186 22.35 -15.43 13.69
C GLY A 186 21.36 -14.88 14.69
N LYS A 187 21.74 -14.92 15.96
CA LYS A 187 20.77 -14.73 17.04
C LYS A 187 20.18 -13.34 17.14
N ALA A 188 20.77 -12.35 16.52
CA ALA A 188 20.11 -11.06 16.51
C ALA A 188 19.02 -10.92 15.44
N ASN A 189 18.93 -11.86 14.52
CA ASN A 189 18.11 -11.64 13.35
C ASN A 189 16.92 -12.56 13.16
N GLY A 190 16.46 -13.18 14.24
CA GLY A 190 15.29 -14.04 14.18
C GLY A 190 15.57 -15.51 14.20
N VAL A 191 14.53 -16.27 13.89
CA VAL A 191 14.57 -17.71 13.97
C VAL A 191 14.47 -18.25 12.55
N PRO A 192 15.49 -18.97 12.10
CA PRO A 192 15.36 -19.60 10.81
C PRO A 192 14.08 -20.46 10.62
N ARG A 193 13.38 -20.17 9.55
CA ARG A 193 12.22 -20.94 9.21
C ARG A 193 11.77 -20.85 7.75
N GLU A 194 11.04 -21.89 7.33
CA GLU A 194 10.52 -22.07 5.98
C GLU A 194 9.11 -21.46 5.88
N THR A 195 8.92 -20.63 4.87
CA THR A 195 7.68 -19.94 4.70
C THR A 195 7.60 -19.46 3.24
N GLY A 196 6.86 -18.39 2.98
CA GLY A 196 6.68 -17.86 1.63
C GLY A 196 5.61 -16.77 1.60
N PHE A 197 5.40 -16.23 0.42
CA PHE A 197 4.38 -15.19 0.19
C PHE A 197 3.25 -15.73 -0.68
N ASP A 198 2.04 -15.28 -0.42
CA ASP A 198 0.94 -15.40 -1.35
C ASP A 198 0.58 -14.05 -1.89
N ILE A 199 -0.14 -14.05 -2.98
CA ILE A 199 -0.65 -12.78 -3.51
C ILE A 199 -1.69 -12.21 -2.49
N SER A 200 -1.61 -10.91 -2.22
CA SER A 200 -2.47 -10.26 -1.19
C SER A 200 -3.98 -10.58 -1.24
N VAL A 201 -4.57 -10.70 -2.42
CA VAL A 201 -5.99 -10.99 -2.56
C VAL A 201 -6.34 -12.42 -2.16
N ALA A 202 -5.34 -13.29 -2.11
CA ALA A 202 -5.50 -14.63 -1.55
C ALA A 202 -5.44 -14.65 -0.01
N SER A 203 -5.15 -13.50 0.62
CA SER A 203 -5.06 -13.41 2.07
C SER A 203 -6.35 -13.81 2.85
N GLU A 204 -6.20 -14.60 3.91
CA GLU A 204 -7.36 -14.83 4.75
C GLU A 204 -7.90 -13.45 5.27
N VAL A 205 -7.01 -12.47 5.42
CA VAL A 205 -7.44 -11.16 5.84
C VAL A 205 -8.47 -10.56 4.82
N MET A 206 -8.19 -10.72 3.54
CA MET A 206 -9.12 -10.34 2.50
C MET A 206 -10.46 -11.06 2.64
N ALA A 207 -10.44 -12.38 2.89
CA ALA A 207 -11.67 -13.18 3.07
C ALA A 207 -12.40 -12.68 4.31
N CYS A 208 -11.67 -12.32 5.34
CA CYS A 208 -12.28 -11.76 6.56
C CYS A 208 -13.03 -10.45 6.33
N LEU A 209 -12.39 -9.58 5.59
CA LEU A 209 -12.94 -8.30 5.25
C LEU A 209 -14.26 -8.53 4.50
N CYS A 210 -14.24 -9.45 3.54
CA CYS A 210 -15.40 -9.70 2.69
C CYS A 210 -16.55 -10.36 3.41
N LEU A 211 -16.30 -10.93 4.59
CA LEU A 211 -17.34 -11.65 5.33
C LEU A 211 -17.76 -10.98 6.65
N ALA A 212 -17.05 -9.93 7.03
CA ALA A 212 -17.30 -9.23 8.28
C ALA A 212 -18.55 -8.36 8.14
N SER A 213 -19.28 -8.20 9.24
CA SER A 213 -20.46 -7.33 9.33
C SER A 213 -20.11 -5.88 9.65
N ASP A 214 -19.04 -5.69 10.42
CA ASP A 214 -18.54 -4.38 10.82
C ASP A 214 -17.07 -4.47 11.34
N LEU A 215 -16.53 -3.35 11.78
CA LEU A 215 -15.16 -3.32 12.22
C LEU A 215 -14.93 -4.20 13.44
N MET A 216 -15.85 -4.17 14.42
CA MET A 216 -15.73 -5.05 15.60
C MET A 216 -15.83 -6.55 15.28
N ASP A 217 -16.62 -6.90 14.27
CA ASP A 217 -16.72 -8.27 13.83
C ASP A 217 -15.40 -8.70 13.13
N LEU A 218 -14.86 -7.82 12.30
CA LEU A 218 -13.59 -8.05 11.68
C LEU A 218 -12.49 -8.33 12.71
N LYS A 219 -12.49 -7.55 13.81
CA LYS A 219 -11.53 -7.69 14.88
C LYS A 219 -11.66 -9.06 15.58
N GLU A 220 -12.90 -9.47 15.82
CA GLU A 220 -13.16 -10.76 16.41
C GLU A 220 -12.62 -11.88 15.52
N ARG A 221 -12.93 -11.78 14.24
CA ARG A 221 -12.52 -12.81 13.27
C ARG A 221 -10.99 -12.89 13.26
N PHE A 222 -10.32 -11.73 13.22
CA PHE A 222 -8.87 -11.66 13.31
C PHE A 222 -8.39 -12.44 14.52
N SER A 223 -9.04 -12.30 15.68
CA SER A 223 -8.55 -12.95 16.90
C SER A 223 -8.62 -14.48 16.81
N ARG A 224 -9.47 -14.98 15.90
CA ARG A 224 -9.65 -16.42 15.73
C ARG A 224 -8.76 -17.10 14.72
N ILE A 225 -8.07 -16.31 13.92
CA ILE A 225 -7.09 -16.79 12.94
C ILE A 225 -6.05 -17.67 13.61
N VAL A 226 -5.93 -18.90 13.13
CA VAL A 226 -4.88 -19.82 13.58
C VAL A 226 -3.60 -19.64 12.74
N VAL A 227 -2.52 -19.35 13.43
CA VAL A 227 -1.26 -19.09 12.79
C VAL A 227 -0.30 -20.29 12.79
N GLY A 228 -0.46 -21.21 13.72
CA GLY A 228 0.39 -22.42 13.82
C GLY A 228 0.02 -23.21 15.06
N TYR A 229 0.95 -24.04 15.51
CA TYR A 229 0.75 -24.94 16.65
C TYR A 229 1.92 -24.94 17.62
N THR A 230 1.62 -25.29 18.86
CA THR A 230 2.68 -25.49 19.85
C THR A 230 3.43 -26.81 19.61
N TYR A 231 4.54 -26.98 20.30
CA TYR A 231 5.26 -28.24 20.23
C TYR A 231 4.36 -29.40 20.65
N ASP A 232 3.40 -29.19 21.54
CA ASP A 232 2.40 -30.25 21.84
C ASP A 232 1.23 -30.37 20.90
N GLY A 233 1.15 -29.56 19.86
CA GLY A 233 0.04 -29.69 18.90
C GLY A 233 -1.21 -28.85 19.19
N LYS A 234 -1.19 -27.98 20.19
CA LYS A 234 -2.30 -27.03 20.37
C LYS A 234 -2.27 -25.83 19.39
N PRO A 235 -3.44 -25.39 18.90
CA PRO A 235 -3.46 -24.24 18.02
C PRO A 235 -3.07 -22.95 18.71
N VAL A 236 -2.37 -22.11 17.98
CA VAL A 236 -2.05 -20.81 18.43
C VAL A 236 -2.71 -19.78 17.51
N THR A 237 -3.35 -18.80 18.11
CA THR A 237 -4.10 -17.80 17.36
C THR A 237 -3.50 -16.42 17.39
N ALA A 238 -4.02 -15.57 16.51
CA ALA A 238 -3.73 -14.16 16.54
C ALA A 238 -4.17 -13.54 17.89
N GLY A 239 -5.31 -13.97 18.40
CA GLY A 239 -5.79 -13.54 19.71
C GLY A 239 -4.77 -13.84 20.81
N ASP A 240 -4.12 -15.02 20.71
CA ASP A 240 -3.08 -15.42 21.66
C ASP A 240 -1.88 -14.44 21.59
N LEU A 241 -1.61 -13.88 20.41
CA LEU A 241 -0.53 -12.94 20.23
C LEU A 241 -0.96 -11.50 20.41
N GLU A 242 -2.27 -11.28 20.64
CA GLU A 242 -2.83 -9.92 20.84
C GLU A 242 -2.62 -8.96 19.68
N ALA A 243 -2.73 -9.51 18.48
CA ALA A 243 -2.53 -8.77 17.25
C ALA A 243 -3.83 -8.14 16.66
N GLN A 244 -4.98 -8.60 17.09
CA GLN A 244 -6.24 -8.24 16.42
C GLN A 244 -6.61 -6.74 16.50
N GLY A 245 -6.22 -6.09 17.59
CA GLY A 245 -6.48 -4.68 17.72
C GLY A 245 -5.72 -3.87 16.69
N SER A 246 -4.44 -4.16 16.54
CA SER A 246 -3.60 -3.50 15.53
C SER A 246 -4.02 -3.78 14.09
N MET A 247 -4.32 -5.05 13.80
CA MET A 247 -4.88 -5.43 12.50
C MET A 247 -6.17 -4.65 12.19
N ALA A 248 -7.09 -4.63 13.14
CA ALA A 248 -8.32 -3.85 13.02
C ALA A 248 -8.03 -2.38 12.72
N LEU A 249 -7.11 -1.80 13.46
CA LEU A 249 -6.75 -0.41 13.27
C LEU A 249 -6.26 -0.15 11.84
N LEU A 250 -5.34 -0.96 11.37
CA LEU A 250 -4.90 -0.89 9.99
C LEU A 250 -6.01 -0.96 8.90
N MET A 251 -7.13 -1.57 9.27
CA MET A 251 -8.29 -1.82 8.41
C MET A 251 -9.46 -0.82 8.66
N LYS A 252 -9.21 0.22 9.44
CA LYS A 252 -10.33 1.09 9.87
C LYS A 252 -10.96 1.92 8.74
N ASP A 253 -10.20 2.22 7.70
CA ASP A 253 -10.79 2.73 6.48
C ASP A 253 -11.16 1.69 5.41
N ALA A 254 -10.32 0.66 5.26
CA ALA A 254 -10.63 -0.47 4.39
C ALA A 254 -11.99 -1.16 4.64
N ILE A 255 -12.50 -1.13 5.87
CA ILE A 255 -13.79 -1.71 6.20
C ILE A 255 -14.98 -0.99 5.47
N LYS A 256 -14.77 0.24 5.00
CA LYS A 256 -15.81 0.98 4.25
C LYS A 256 -15.87 0.69 2.75
N PRO A 257 -17.07 0.50 2.18
CA PRO A 257 -17.15 0.25 0.74
C PRO A 257 -16.95 1.49 -0.08
N ASN A 258 -16.48 1.32 -1.29
CA ASN A 258 -16.09 2.38 -2.18
C ASN A 258 -17.17 2.68 -3.22
N LEU A 259 -17.74 3.86 -3.18
CA LEU A 259 -18.71 4.27 -4.17
C LEU A 259 -18.07 4.81 -5.44
N VAL A 260 -18.46 4.22 -6.56
CA VAL A 260 -18.03 4.60 -7.91
C VAL A 260 -19.27 4.48 -8.85
N GLN A 261 -19.09 4.32 -10.14
CA GLN A 261 -20.21 4.31 -11.05
C GLN A 261 -19.90 3.65 -12.36
N THR A 262 -20.97 3.31 -13.05
CA THR A 262 -20.92 2.85 -14.41
C THR A 262 -20.69 4.00 -15.40
N LEU A 263 -20.42 3.66 -16.66
CA LEU A 263 -20.29 4.64 -17.73
C LEU A 263 -21.59 5.45 -17.87
N GLU A 264 -22.74 4.84 -17.56
CA GLU A 264 -24.00 5.57 -17.63
C GLU A 264 -24.35 6.19 -16.31
N ASN A 265 -23.35 6.35 -15.44
CA ASN A 265 -23.52 6.95 -14.13
C ASN A 265 -24.48 6.22 -13.18
N THR A 266 -24.68 4.93 -13.34
CA THR A 266 -25.42 4.18 -12.32
C THR A 266 -24.47 3.91 -11.14
N PRO A 267 -24.92 4.14 -9.91
CA PRO A 267 -23.99 3.97 -8.78
C PRO A 267 -23.57 2.53 -8.59
N ALA A 268 -22.35 2.37 -8.08
CA ALA A 268 -21.67 1.07 -7.93
C ALA A 268 -20.75 1.06 -6.73
N PHE A 269 -20.73 -0.07 -6.06
CA PHE A 269 -19.79 -0.30 -4.98
C PHE A 269 -18.78 -1.28 -5.47
N ILE A 270 -17.55 -1.01 -5.12
CA ILE A 270 -16.44 -1.92 -5.30
C ILE A 270 -15.77 -2.09 -3.94
N HIS A 271 -15.74 -3.33 -3.45
CA HIS A 271 -15.25 -3.60 -2.13
C HIS A 271 -14.82 -5.05 -1.88
N GLY A 272 -13.53 -5.24 -1.68
CA GLY A 272 -12.99 -6.55 -1.47
C GLY A 272 -12.87 -7.33 -2.75
N GLY A 273 -12.09 -8.37 -2.68
CA GLY A 273 -11.88 -9.17 -3.87
C GLY A 273 -11.04 -10.38 -3.54
N PRO A 274 -11.64 -11.47 -2.97
CA PRO A 274 -10.93 -12.71 -2.56
C PRO A 274 -10.77 -13.63 -3.74
N PHE A 275 -9.94 -14.62 -3.59
CA PHE A 275 -9.88 -15.74 -4.51
C PHE A 275 -11.23 -16.51 -4.41
N ALA A 276 -11.49 -17.29 -5.44
CA ALA A 276 -12.74 -18.04 -5.56
C ALA A 276 -12.54 -19.56 -5.48
N ASN A 277 -11.30 -20.01 -5.25
CA ASN A 277 -11.01 -21.43 -4.97
C ASN A 277 -10.76 -21.67 -3.48
N ILE A 278 -9.71 -21.09 -2.93
CA ILE A 278 -9.44 -21.12 -1.48
C ILE A 278 -10.28 -20.13 -0.68
N ALA A 279 -11.01 -19.27 -1.35
CA ALA A 279 -12.07 -18.51 -0.68
C ALA A 279 -13.35 -18.49 -1.56
N HIS A 280 -14.28 -17.60 -1.24
CA HIS A 280 -15.64 -17.68 -1.74
C HIS A 280 -15.91 -16.77 -2.93
N GLY A 281 -14.95 -15.94 -3.29
CA GLY A 281 -14.98 -15.29 -4.59
C GLY A 281 -16.07 -14.23 -4.79
N CYS A 282 -16.43 -13.56 -3.70
CA CYS A 282 -17.46 -12.53 -3.71
C CYS A 282 -16.96 -11.18 -3.28
N ASN A 283 -17.67 -10.09 -3.60
CA ASN A 283 -17.38 -8.85 -2.89
C ASN A 283 -17.96 -8.87 -1.47
N SER A 284 -17.64 -7.84 -0.73
CA SER A 284 -17.99 -7.74 0.66
C SER A 284 -19.49 -7.78 0.98
N ILE A 285 -19.77 -8.41 2.11
CA ILE A 285 -21.07 -8.40 2.74
C ILE A 285 -21.45 -6.95 3.07
N ILE A 286 -20.48 -6.16 3.54
CA ILE A 286 -20.71 -4.80 3.87
C ILE A 286 -21.27 -3.99 2.71
N ALA A 287 -20.67 -4.16 1.55
CA ALA A 287 -21.14 -3.50 0.34
C ALA A 287 -22.55 -3.97 -0.06
N THR A 288 -22.71 -5.29 -0.24
CA THR A 288 -23.99 -5.84 -0.67
C THR A 288 -25.12 -5.44 0.30
N LYS A 289 -24.92 -5.56 1.61
CA LYS A 289 -25.99 -5.24 2.60
C LYS A 289 -26.38 -3.75 2.63
N THR A 290 -25.39 -2.90 2.43
CA THR A 290 -25.61 -1.46 2.30
C THR A 290 -26.40 -1.14 1.04
N ALA A 291 -25.98 -1.76 -0.07
CA ALA A 291 -26.63 -1.58 -1.36
C ALA A 291 -28.14 -1.97 -1.35
N LEU A 292 -28.45 -3.03 -0.62
CA LEU A 292 -29.78 -3.53 -0.47
C LEU A 292 -30.75 -2.62 0.33
N LYS A 293 -30.18 -1.83 1.24
CA LYS A 293 -30.94 -0.76 1.91
C LYS A 293 -31.12 0.48 1.05
N LEU A 294 -30.13 0.81 0.24
CA LEU A 294 -30.14 1.99 -0.56
C LEU A 294 -30.93 1.87 -1.86
N ALA A 295 -31.04 0.66 -2.40
CA ALA A 295 -31.59 0.43 -3.74
C ALA A 295 -32.72 -0.59 -3.68
N ASP A 296 -33.64 -0.55 -4.65
CA ASP A 296 -34.70 -1.57 -4.79
C ASP A 296 -34.19 -2.78 -5.54
N TYR A 297 -33.04 -2.66 -6.19
CA TYR A 297 -32.46 -3.76 -6.95
C TYR A 297 -30.95 -3.73 -6.84
N VAL A 298 -30.38 -4.88 -6.49
CA VAL A 298 -28.93 -4.98 -6.35
C VAL A 298 -28.38 -6.15 -7.19
N VAL A 299 -27.46 -5.83 -8.06
CA VAL A 299 -26.79 -6.80 -8.91
C VAL A 299 -25.36 -7.02 -8.37
N THR A 300 -25.02 -8.26 -8.16
CA THR A 300 -23.68 -8.63 -7.76
C THR A 300 -23.27 -9.91 -8.50
N GLU A 301 -21.99 -10.22 -8.43
CA GLU A 301 -21.50 -11.41 -9.02
C GLU A 301 -20.50 -12.16 -8.13
N ALA A 302 -20.17 -13.35 -8.59
CA ALA A 302 -19.22 -14.22 -7.95
C ALA A 302 -18.21 -14.83 -8.97
N GLY A 303 -16.99 -15.03 -8.50
CA GLY A 303 -15.92 -15.62 -9.29
C GLY A 303 -16.17 -16.99 -9.88
N PHE A 304 -15.50 -17.25 -11.01
CA PHE A 304 -15.53 -18.55 -11.67
C PHE A 304 -16.94 -18.91 -12.17
N GLY A 305 -17.18 -20.19 -12.49
CA GLY A 305 -18.47 -20.61 -12.94
C GLY A 305 -19.39 -20.77 -11.73
N ALA A 306 -20.64 -21.12 -12.03
CA ALA A 306 -21.66 -21.29 -11.01
C ALA A 306 -21.39 -22.45 -10.05
N ASP A 307 -20.69 -23.47 -10.50
CA ASP A 307 -20.21 -24.57 -9.66
C ASP A 307 -19.33 -24.15 -8.46
N LEU A 308 -18.58 -23.08 -8.62
CA LEU A 308 -17.73 -22.53 -7.56
C LEU A 308 -18.28 -21.21 -6.93
N GLY A 309 -18.26 -20.12 -7.70
CA GLY A 309 -18.69 -18.83 -7.25
C GLY A 309 -20.11 -18.80 -6.72
N ALA A 310 -21.08 -19.27 -7.51
CA ALA A 310 -22.47 -19.23 -7.11
C ALA A 310 -22.70 -20.10 -5.89
N GLU A 311 -22.18 -21.33 -5.89
CA GLU A 311 -22.32 -22.22 -4.71
C GLU A 311 -21.82 -21.57 -3.40
N LYS A 312 -20.69 -20.90 -3.48
CA LYS A 312 -20.11 -20.26 -2.35
C LYS A 312 -20.84 -18.93 -1.99
N PHE A 313 -21.29 -18.21 -3.01
CA PHE A 313 -22.16 -17.07 -2.78
C PHE A 313 -23.37 -17.50 -1.93
N TYR A 314 -24.00 -18.59 -2.33
CA TYR A 314 -25.17 -19.08 -1.62
C TYR A 314 -24.79 -19.64 -0.23
N ASP A 315 -23.78 -20.50 -0.21
CA ASP A 315 -23.52 -21.34 0.96
C ASP A 315 -22.61 -20.71 2.01
N VAL A 316 -21.88 -19.65 1.63
CA VAL A 316 -21.09 -18.89 2.58
C VAL A 316 -21.65 -17.46 2.77
N LYS A 317 -21.56 -16.63 1.76
CA LYS A 317 -21.95 -15.21 1.89
C LYS A 317 -23.41 -15.03 2.32
N CYS A 318 -24.34 -15.62 1.59
CA CYS A 318 -25.75 -15.52 1.93
C CYS A 318 -26.03 -16.17 3.28
N ARG A 319 -25.34 -17.25 3.59
CA ARG A 319 -25.59 -17.95 4.83
C ARG A 319 -25.23 -17.00 6.03
N TYR A 320 -24.06 -16.40 5.97
CA TYR A 320 -23.59 -15.49 7.00
C TYR A 320 -24.44 -14.24 7.08
N ALA A 321 -24.82 -13.69 5.95
CA ALA A 321 -25.46 -12.38 5.91
C ALA A 321 -26.97 -12.41 6.14
N GLY A 322 -27.56 -13.59 6.02
CA GLY A 322 -28.98 -13.73 5.98
C GLY A 322 -29.60 -13.28 4.68
N PHE A 323 -28.87 -13.25 3.57
CA PHE A 323 -29.50 -12.85 2.30
C PHE A 323 -30.36 -13.97 1.76
N LYS A 324 -31.32 -13.58 0.92
CA LYS A 324 -32.15 -14.51 0.17
C LYS A 324 -32.28 -14.02 -1.26
N PRO A 325 -31.38 -14.48 -2.13
CA PRO A 325 -31.38 -13.99 -3.50
C PRO A 325 -32.67 -14.29 -4.20
N ASP A 326 -33.05 -13.34 -5.03
CA ASP A 326 -34.32 -13.35 -5.72
C ASP A 326 -34.27 -13.96 -7.09
N ALA A 327 -33.15 -13.76 -7.78
CA ALA A 327 -32.91 -14.33 -9.09
C ALA A 327 -31.44 -14.52 -9.33
N THR A 328 -31.13 -15.29 -10.35
CA THR A 328 -29.74 -15.48 -10.75
C THR A 328 -29.64 -15.54 -12.26
N VAL A 329 -28.74 -14.74 -12.82
CA VAL A 329 -28.45 -14.72 -14.23
C VAL A 329 -27.19 -15.56 -14.50
N ILE A 330 -27.29 -16.49 -15.42
CA ILE A 330 -26.17 -17.32 -15.90
C ILE A 330 -25.73 -16.84 -17.29
N VAL A 331 -24.49 -16.42 -17.38
CA VAL A 331 -23.93 -15.88 -18.60
C VAL A 331 -23.31 -17.01 -19.37
N ALA A 332 -23.63 -17.07 -20.65
CA ALA A 332 -23.03 -18.04 -21.53
C ALA A 332 -22.74 -17.43 -22.92
N THR A 333 -21.85 -18.04 -23.68
CA THR A 333 -21.63 -17.73 -25.09
C THR A 333 -21.70 -18.97 -25.95
N VAL A 334 -22.10 -18.75 -27.21
CA VAL A 334 -22.03 -19.77 -28.24
C VAL A 334 -20.62 -20.39 -28.35
N ARG A 335 -19.60 -19.58 -28.44
CA ARG A 335 -18.41 -20.17 -28.66
CA ARG A 335 -18.28 -20.08 -28.64
C ARG A 335 -17.84 -20.94 -27.49
N ALA A 336 -18.15 -20.51 -26.29
CA ALA A 336 -17.76 -21.26 -25.08
C ALA A 336 -18.45 -22.60 -25.00
N LEU A 337 -19.71 -22.64 -25.35
CA LEU A 337 -20.45 -23.88 -25.35
C LEU A 337 -19.92 -24.84 -26.41
N LYS A 338 -19.48 -24.31 -27.56
CA LYS A 338 -18.88 -25.16 -28.60
C LYS A 338 -17.60 -25.77 -28.09
N MET A 339 -16.85 -25.03 -27.30
CA MET A 339 -15.65 -25.57 -26.69
C MET A 339 -16.00 -26.72 -25.77
N HIS A 340 -17.05 -26.54 -24.99
CA HIS A 340 -17.56 -27.60 -24.11
C HIS A 340 -18.09 -28.79 -24.87
N GLY A 341 -18.35 -28.62 -26.17
CA GLY A 341 -18.76 -29.69 -27.01
C GLY A 341 -17.62 -30.17 -27.88
N GLY A 342 -16.37 -29.85 -27.52
CA GLY A 342 -15.19 -30.41 -28.15
C GLY A 342 -14.56 -29.61 -29.32
N VAL A 343 -15.09 -28.44 -29.67
CA VAL A 343 -14.46 -27.60 -30.70
C VAL A 343 -13.18 -26.91 -30.19
N PRO A 344 -12.08 -27.04 -30.95
CA PRO A 344 -10.89 -26.36 -30.45
C PRO A 344 -11.03 -24.87 -30.66
N LYS A 345 -10.26 -24.12 -29.89
CA LYS A 345 -10.33 -22.66 -29.89
C LYS A 345 -10.18 -22.06 -31.28
N SER A 346 -9.25 -22.60 -32.03
CA SER A 346 -8.95 -22.12 -33.41
C SER A 346 -10.10 -22.25 -34.44
N ASP A 347 -11.13 -23.05 -34.16
CA ASP A 347 -12.23 -23.36 -35.11
C ASP A 347 -13.64 -22.90 -34.59
N LEU A 348 -13.66 -21.98 -33.64
CA LEU A 348 -14.91 -21.60 -32.99
C LEU A 348 -15.89 -20.77 -33.81
N ALA A 349 -15.37 -20.09 -34.85
CA ALA A 349 -16.22 -19.30 -35.75
C ALA A 349 -17.07 -20.14 -36.67
N THR A 350 -16.62 -21.34 -36.98
CA THR A 350 -17.35 -22.18 -37.91
C THR A 350 -18.60 -22.67 -37.22
N GLU A 351 -19.75 -22.54 -37.88
CA GLU A 351 -21.02 -23.00 -37.33
C GLU A 351 -20.94 -24.47 -37.08
N ASN A 352 -21.40 -24.89 -35.91
CA ASN A 352 -21.44 -26.28 -35.59
C ASN A 352 -22.56 -26.52 -34.55
N LEU A 353 -23.73 -26.81 -35.06
CA LEU A 353 -24.92 -26.93 -34.25
C LEU A 353 -24.82 -28.15 -33.34
N GLU A 354 -24.24 -29.23 -33.87
CA GLU A 354 -24.06 -30.47 -33.13
C GLU A 354 -23.12 -30.27 -31.93
N ALA A 355 -22.03 -29.54 -32.10
CA ALA A 355 -21.16 -29.31 -30.96
C ALA A 355 -21.82 -28.35 -29.97
N LEU A 356 -22.63 -27.42 -30.46
CA LEU A 356 -23.35 -26.48 -29.59
C LEU A 356 -24.37 -27.21 -28.73
N ARG A 357 -25.13 -28.10 -29.37
CA ARG A 357 -26.09 -28.97 -28.67
C ARG A 357 -25.38 -29.79 -27.57
N GLU A 358 -24.24 -30.40 -27.90
CA GLU A 358 -23.51 -31.21 -26.96
C GLU A 358 -22.97 -30.36 -25.80
N GLY A 359 -22.40 -29.19 -26.09
CA GLY A 359 -21.79 -28.33 -25.07
C GLY A 359 -22.81 -27.66 -24.15
N PHE A 360 -24.03 -27.54 -24.62
CA PHE A 360 -25.08 -26.98 -23.85
C PHE A 360 -25.26 -27.81 -22.57
N ALA A 361 -24.89 -29.09 -22.57
CA ALA A 361 -24.94 -29.89 -21.33
C ALA A 361 -24.27 -29.21 -20.12
N ASN A 362 -23.24 -28.40 -20.39
CA ASN A 362 -22.58 -27.61 -19.35
C ASN A 362 -23.57 -26.60 -18.77
N LEU A 363 -24.21 -25.84 -19.65
CA LEU A 363 -25.15 -24.82 -19.26
C LEU A 363 -26.33 -25.46 -18.56
N GLU A 364 -26.81 -26.57 -19.10
CA GLU A 364 -27.95 -27.20 -18.52
C GLU A 364 -27.72 -27.58 -17.04
N LYS A 365 -26.56 -28.11 -16.74
CA LYS A 365 -26.21 -28.52 -15.39
C LYS A 365 -26.11 -27.32 -14.45
N HIS A 366 -25.50 -26.22 -14.90
CA HIS A 366 -25.53 -24.99 -14.09
C HIS A 366 -26.96 -24.51 -13.79
N ILE A 367 -27.83 -24.55 -14.78
CA ILE A 367 -29.23 -24.18 -14.63
C ILE A 367 -29.88 -25.06 -13.55
N GLU A 368 -29.81 -26.37 -13.72
CA GLU A 368 -30.26 -27.30 -12.71
C GLU A 368 -29.73 -27.01 -11.32
N ASN A 369 -28.45 -26.75 -11.22
CA ASN A 369 -27.84 -26.46 -9.94
C ASN A 369 -28.39 -25.23 -9.22
N ILE A 370 -28.57 -24.12 -9.96
CA ILE A 370 -29.13 -22.91 -9.42
C ILE A 370 -30.51 -23.22 -8.83
N GLY A 371 -31.27 -24.03 -9.55
CA GLY A 371 -32.57 -24.51 -9.07
C GLY A 371 -32.50 -25.23 -7.74
N LYS A 372 -31.37 -25.88 -7.42
CA LYS A 372 -31.26 -26.62 -6.18
C LYS A 372 -31.23 -25.71 -4.94
N PHE A 373 -30.89 -24.44 -5.12
CA PHE A 373 -30.94 -23.46 -4.04
C PHE A 373 -32.31 -22.74 -3.99
N GLY A 374 -33.25 -23.17 -4.83
CA GLY A 374 -34.59 -22.57 -4.92
C GLY A 374 -34.68 -21.15 -5.50
N VAL A 375 -33.75 -20.85 -6.40
CA VAL A 375 -33.63 -19.55 -7.04
C VAL A 375 -33.93 -19.73 -8.53
N PRO A 376 -34.79 -18.85 -9.09
CA PRO A 376 -35.07 -18.91 -10.51
C PRO A 376 -33.93 -18.27 -11.34
N ALA A 377 -33.70 -18.89 -12.49
CA ALA A 377 -32.52 -18.66 -13.26
C ALA A 377 -32.91 -18.06 -14.61
N VAL A 378 -32.12 -17.12 -15.10
CA VAL A 378 -32.31 -16.51 -16.41
C VAL A 378 -30.95 -16.56 -17.14
N VAL A 379 -30.96 -16.99 -18.39
CA VAL A 379 -29.74 -17.13 -19.15
C VAL A 379 -29.49 -15.86 -19.95
N ALA A 380 -28.30 -15.31 -19.82
CA ALA A 380 -27.85 -14.18 -20.61
C ALA A 380 -26.84 -14.68 -21.70
N ILE A 381 -27.19 -14.60 -22.98
CA ILE A 381 -26.27 -14.99 -24.06
C ILE A 381 -25.54 -13.75 -24.55
N ASN A 382 -24.28 -13.66 -24.19
CA ASN A 382 -23.37 -12.68 -24.72
C ASN A 382 -23.13 -12.76 -26.23
N ALA A 383 -23.64 -11.76 -26.94
CA ALA A 383 -23.56 -11.72 -28.39
C ALA A 383 -22.14 -11.72 -28.83
N PHE A 384 -21.86 -12.43 -29.93
CA PHE A 384 -20.55 -12.32 -30.58
C PHE A 384 -20.72 -12.30 -32.11
N PRO A 385 -19.92 -11.47 -32.82
CA PRO A 385 -20.17 -11.24 -34.29
C PRO A 385 -20.28 -12.52 -35.15
N THR A 386 -19.50 -13.54 -34.82
CA THR A 386 -19.46 -14.77 -35.62
C THR A 386 -20.59 -15.78 -35.42
N ASP A 387 -21.36 -15.63 -34.34
CA ASP A 387 -22.46 -16.51 -34.12
C ASP A 387 -23.44 -16.39 -35.26
N THR A 388 -23.99 -17.50 -35.72
CA THR A 388 -25.01 -17.51 -36.74
C THR A 388 -26.35 -17.45 -36.07
N GLU A 389 -27.34 -17.08 -36.84
CA GLU A 389 -28.72 -17.10 -36.37
C GLU A 389 -29.18 -18.50 -36.01
N ALA A 390 -28.81 -19.45 -36.86
CA ALA A 390 -29.17 -20.81 -36.57
C ALA A 390 -28.59 -21.30 -35.20
N GLU A 391 -27.39 -20.85 -34.85
CA GLU A 391 -26.75 -21.23 -33.56
C GLU A 391 -27.54 -20.61 -32.40
N LEU A 392 -27.75 -19.31 -32.52
CA LEU A 392 -28.50 -18.58 -31.53
C LEU A 392 -29.87 -19.18 -31.35
N ASN A 393 -30.60 -19.46 -32.45
CA ASN A 393 -31.95 -19.96 -32.28
C ASN A 393 -31.95 -21.32 -31.61
N LEU A 394 -30.98 -22.18 -31.96
CA LEU A 394 -30.90 -23.47 -31.29
C LEU A 394 -30.67 -23.29 -29.78
N LEU A 395 -29.69 -22.45 -29.45
CA LEU A 395 -29.45 -22.14 -28.07
C LEU A 395 -30.68 -21.64 -27.30
N TYR A 396 -31.42 -20.71 -27.89
CA TYR A 396 -32.69 -20.27 -27.25
C TYR A 396 -33.66 -21.42 -27.03
N GLU A 397 -33.82 -22.31 -28.02
CA GLU A 397 -34.75 -23.46 -27.92
C GLU A 397 -34.25 -24.43 -26.83
N LEU A 398 -32.94 -24.65 -26.74
CA LEU A 398 -32.41 -25.53 -25.70
C LEU A 398 -32.64 -24.95 -24.28
N CYS A 399 -32.48 -23.65 -24.12
CA CYS A 399 -32.74 -22.97 -22.85
C CYS A 399 -34.22 -23.10 -22.45
N ALA A 400 -35.12 -22.87 -23.40
CA ALA A 400 -36.56 -23.00 -23.10
C ALA A 400 -36.92 -24.43 -22.77
N LYS A 401 -36.31 -25.40 -23.48
CA LYS A 401 -36.53 -26.80 -23.12
C LYS A 401 -36.09 -27.11 -21.68
N ALA A 402 -35.07 -26.39 -21.23
CA ALA A 402 -34.55 -26.53 -19.90
C ALA A 402 -35.30 -25.73 -18.83
N GLY A 403 -36.33 -24.97 -19.23
CA GLY A 403 -37.20 -24.27 -18.29
C GLY A 403 -36.66 -22.93 -17.85
N ALA A 404 -35.75 -22.38 -18.64
CA ALA A 404 -35.18 -21.10 -18.29
C ALA A 404 -35.52 -20.05 -19.33
N GLU A 405 -35.91 -18.89 -18.88
CA GLU A 405 -35.89 -17.72 -19.77
C GLU A 405 -34.42 -17.45 -20.27
N VAL A 406 -34.33 -16.81 -21.43
CA VAL A 406 -33.07 -16.47 -22.06
C VAL A 406 -33.16 -15.16 -22.85
N ALA A 407 -32.10 -14.39 -22.82
CA ALA A 407 -32.06 -13.15 -23.53
C ALA A 407 -30.69 -13.00 -24.13
N LEU A 408 -30.68 -12.42 -25.32
CA LEU A 408 -29.46 -12.04 -25.98
C LEU A 408 -29.02 -10.74 -25.32
N SER A 409 -27.74 -10.61 -25.03
CA SER A 409 -27.21 -9.43 -24.41
C SER A 409 -26.18 -8.76 -25.31
N GLU A 410 -26.36 -7.51 -25.58
CA GLU A 410 -25.39 -6.81 -26.42
C GLU A 410 -24.93 -5.60 -25.70
N VAL A 411 -24.70 -5.75 -24.41
CA VAL A 411 -24.27 -4.60 -23.59
C VAL A 411 -22.83 -4.09 -23.89
N TRP A 412 -21.98 -4.99 -24.34
CA TRP A 412 -20.60 -4.67 -24.69
C TRP A 412 -20.60 -3.57 -25.76
N ALA A 413 -21.43 -3.75 -26.76
CA ALA A 413 -21.50 -2.88 -27.93
C ALA A 413 -22.44 -1.69 -27.74
N LYS A 414 -23.52 -1.93 -27.00
CA LYS A 414 -24.63 -0.98 -26.93
C LYS A 414 -24.94 -0.52 -25.56
N GLY A 415 -24.11 -0.86 -24.58
CA GLY A 415 -24.36 -0.48 -23.23
C GLY A 415 -25.73 -0.93 -22.74
N GLY A 416 -26.30 -0.12 -21.88
CA GLY A 416 -27.57 -0.43 -21.28
C GLY A 416 -28.69 -0.78 -22.22
N GLU A 417 -28.70 -0.12 -23.38
CA GLU A 417 -29.63 -0.45 -24.41
C GLU A 417 -29.54 -1.93 -24.77
N GLY A 418 -28.34 -2.49 -24.76
CA GLY A 418 -28.16 -3.89 -25.09
C GLY A 418 -28.61 -4.87 -24.04
N GLY A 419 -28.96 -4.36 -22.87
CA GLY A 419 -29.37 -5.18 -21.72
C GLY A 419 -30.86 -5.18 -21.44
N LEU A 420 -31.62 -4.46 -22.30
CA LEU A 420 -33.03 -4.20 -21.97
C LEU A 420 -33.84 -5.49 -22.00
N GLU A 421 -33.55 -6.35 -22.97
CA GLU A 421 -34.31 -7.60 -23.09
C GLU A 421 -33.99 -8.50 -21.88
N LEU A 422 -32.73 -8.57 -21.50
CA LEU A 422 -32.34 -9.32 -20.31
C LEU A 422 -33.00 -8.73 -19.02
N ALA A 423 -32.91 -7.43 -18.87
CA ALA A 423 -33.49 -6.79 -17.72
C ALA A 423 -34.99 -7.05 -17.64
N ARG A 424 -35.69 -6.92 -18.76
CA ARG A 424 -37.12 -7.20 -18.74
C ARG A 424 -37.44 -8.69 -18.34
N LYS A 425 -36.66 -9.65 -18.84
CA LYS A 425 -36.83 -11.05 -18.50
C LYS A 425 -36.57 -11.23 -17.01
N VAL A 426 -35.54 -10.58 -16.47
CA VAL A 426 -35.29 -10.58 -15.04
C VAL A 426 -36.47 -10.00 -14.24
N LEU A 427 -36.98 -8.85 -14.67
CA LEU A 427 -38.08 -8.24 -13.98
C LEU A 427 -39.31 -9.14 -14.06
N GLN A 428 -39.57 -9.75 -15.21
CA GLN A 428 -40.71 -10.67 -15.31
C GLN A 428 -40.50 -11.84 -14.33
N THR A 429 -39.27 -12.35 -14.22
CA THR A 429 -38.98 -13.41 -13.25
C THR A 429 -39.21 -12.96 -11.82
N LEU A 430 -38.72 -11.77 -11.45
CA LEU A 430 -38.89 -11.27 -10.08
C LEU A 430 -40.35 -11.07 -9.72
N GLU A 431 -41.15 -10.69 -10.69
CA GLU A 431 -42.57 -10.47 -10.47
C GLU A 431 -43.38 -11.75 -10.38
N SER A 432 -43.03 -12.80 -11.12
CA SER A 432 -43.90 -13.96 -11.16
C SER A 432 -43.39 -15.26 -10.56
N ARG A 433 -42.10 -15.34 -10.23
CA ARG A 433 -41.49 -16.54 -9.62
C ARG A 433 -40.66 -16.16 -8.37
N PRO A 434 -41.33 -15.87 -7.26
CA PRO A 434 -40.58 -15.56 -6.06
C PRO A 434 -39.59 -16.71 -5.75
N SER A 435 -38.37 -16.39 -5.32
CA SER A 435 -37.45 -17.44 -4.89
C SER A 435 -37.87 -18.08 -3.55
N ASN A 436 -37.36 -19.30 -3.35
CA ASN A 436 -37.52 -19.99 -2.11
C ASN A 436 -36.09 -20.41 -1.65
N PHE A 437 -35.25 -19.44 -1.33
CA PHE A 437 -33.84 -19.69 -1.17
C PHE A 437 -33.55 -20.61 0.01
N HIS A 438 -32.64 -21.56 -0.13
CA HIS A 438 -32.22 -22.33 0.80
CA HIS A 438 -32.07 -22.24 1.01
C HIS A 438 -30.72 -22.71 0.61
N VAL A 439 -29.83 -22.69 1.59
CA VAL A 439 -28.47 -23.25 1.44
C VAL A 439 -28.52 -24.73 1.13
N LEU A 440 -27.44 -25.23 0.57
CA LEU A 440 -27.39 -26.59 0.08
C LEU A 440 -27.23 -27.62 1.20
N TYR A 441 -26.58 -27.23 2.28
CA TYR A 441 -26.19 -28.10 3.31
C TYR A 441 -26.19 -27.42 4.68
N ASN A 442 -26.55 -28.25 5.64
CA ASN A 442 -26.56 -27.90 7.04
C ASN A 442 -25.14 -28.00 7.60
N LEU A 443 -24.78 -27.02 8.43
CA LEU A 443 -23.43 -26.93 9.00
C LEU A 443 -23.11 -28.08 9.95
N ASP A 444 -24.11 -28.77 10.49
CA ASP A 444 -23.85 -29.82 11.47
C ASP A 444 -23.54 -31.16 10.87
N LEU A 445 -23.63 -31.30 9.56
CA LEU A 445 -23.04 -32.42 8.90
C LEU A 445 -21.52 -32.47 9.19
N SER A 446 -20.93 -33.66 9.17
CA SER A 446 -19.48 -33.83 9.10
C SER A 446 -18.86 -33.16 7.84
N ILE A 447 -17.60 -32.85 7.97
CA ILE A 447 -16.86 -32.29 6.88
C ILE A 447 -16.97 -33.15 5.62
N LYS A 448 -16.80 -34.48 5.76
CA LYS A 448 -16.94 -35.35 4.59
C LYS A 448 -18.33 -35.38 3.94
N ASP A 449 -19.36 -35.40 4.79
CA ASP A 449 -20.71 -35.32 4.33
C ASP A 449 -20.96 -34.01 3.52
N LYS A 450 -20.41 -32.89 3.99
CA LYS A 450 -20.60 -31.61 3.36
C LYS A 450 -19.89 -31.54 1.99
N ILE A 451 -18.64 -32.01 1.96
CA ILE A 451 -17.85 -32.18 0.75
C ILE A 451 -18.61 -33.04 -0.26
N ALA A 452 -19.14 -34.18 0.17
CA ALA A 452 -19.87 -35.05 -0.72
C ALA A 452 -21.19 -34.46 -1.24
N LYS A 453 -21.92 -33.72 -0.41
CA LYS A 453 -23.11 -33.03 -0.92
C LYS A 453 -22.79 -32.09 -2.10
N ILE A 454 -21.78 -31.27 -1.89
CA ILE A 454 -21.33 -30.34 -2.89
C ILE A 454 -20.89 -31.10 -4.15
N ALA A 455 -20.02 -32.08 -3.95
CA ALA A 455 -19.42 -32.82 -5.07
C ALA A 455 -20.42 -33.60 -5.90
N THR A 456 -21.35 -34.26 -5.22
CA THR A 456 -22.32 -35.07 -5.91
C THR A 456 -23.47 -34.23 -6.46
N GLU A 457 -24.02 -33.33 -5.68
CA GLU A 457 -25.13 -32.51 -6.16
C GLU A 457 -24.76 -31.41 -7.18
N ILE A 458 -23.64 -30.73 -6.95
CA ILE A 458 -23.25 -29.59 -7.78
C ILE A 458 -22.34 -30.05 -8.93
N TYR A 459 -21.27 -30.75 -8.62
CA TYR A 459 -20.31 -31.19 -9.64
C TYR A 459 -20.75 -32.39 -10.46
N GLY A 460 -21.66 -33.18 -9.91
CA GLY A 460 -22.09 -34.43 -10.50
C GLY A 460 -21.10 -35.57 -10.34
N ALA A 461 -20.22 -35.47 -9.37
CA ALA A 461 -19.27 -36.50 -9.13
C ALA A 461 -20.00 -37.75 -8.60
N ASP A 462 -19.40 -38.90 -8.82
CA ASP A 462 -19.92 -40.10 -8.18
C ASP A 462 -19.67 -39.99 -6.68
N GLY A 463 -18.40 -39.77 -6.31
CA GLY A 463 -17.99 -39.55 -4.95
C GLY A 463 -16.62 -38.88 -4.83
N VAL A 464 -16.07 -38.98 -3.64
CA VAL A 464 -14.93 -38.21 -3.22
C VAL A 464 -13.96 -39.15 -2.54
N ASN A 465 -12.72 -39.11 -2.96
CA ASN A 465 -11.63 -39.82 -2.34
C ASN A 465 -10.72 -38.86 -1.60
N TYR A 466 -10.03 -39.38 -0.60
CA TYR A 466 -9.18 -38.61 0.29
C TYR A 466 -7.80 -39.22 0.40
N THR A 467 -6.76 -38.42 0.33
CA THR A 467 -5.41 -38.88 0.69
C THR A 467 -5.36 -39.10 2.21
N ALA A 468 -4.35 -39.84 2.67
CA ALA A 468 -4.13 -40.01 4.10
C ALA A 468 -3.87 -38.67 4.81
N GLU A 469 -3.13 -37.78 4.17
CA GLU A 469 -2.91 -36.45 4.71
C GLU A 469 -4.26 -35.67 4.84
N ALA A 470 -5.13 -35.77 3.86
CA ALA A 470 -6.45 -35.12 3.92
C ALA A 470 -7.31 -35.69 5.06
N ASP A 471 -7.30 -37.02 5.18
CA ASP A 471 -7.94 -37.72 6.30
C ASP A 471 -7.47 -37.26 7.63
N LYS A 472 -6.14 -37.20 7.87
CA LYS A 472 -5.62 -36.80 9.20
C LYS A 472 -6.01 -35.33 9.48
N ALA A 473 -5.94 -34.49 8.45
CA ALA A 473 -6.28 -33.09 8.65
C ALA A 473 -7.74 -32.94 9.09
N ILE A 474 -8.63 -33.69 8.43
CA ILE A 474 -10.07 -33.62 8.75
C ILE A 474 -10.30 -34.08 10.19
N GLN A 475 -9.69 -35.20 10.54
CA GLN A 475 -9.85 -35.72 11.88
C GLN A 475 -9.35 -34.68 12.93
N ARG A 476 -8.22 -34.04 12.70
CA ARG A 476 -7.75 -33.03 13.65
C ARG A 476 -8.68 -31.82 13.73
N TYR A 477 -9.05 -31.26 12.58
CA TYR A 477 -9.95 -30.14 12.63
C TYR A 477 -11.27 -30.45 13.39
N GLU A 478 -11.85 -31.64 13.16
CA GLU A 478 -13.10 -32.07 13.85
C GLU A 478 -12.82 -32.13 15.31
N SER A 479 -11.67 -32.67 15.69
CA SER A 479 -11.23 -32.67 17.10
C SER A 479 -11.03 -31.34 17.72
N LEU A 480 -10.48 -30.40 16.98
CA LEU A 480 -10.25 -29.08 17.52
C LEU A 480 -11.52 -28.25 17.61
N GLY A 481 -12.63 -28.80 17.11
CA GLY A 481 -13.90 -28.13 17.15
C GLY A 481 -14.24 -27.31 15.94
N TYR A 482 -13.59 -27.53 14.80
CA TYR A 482 -13.90 -26.79 13.57
C TYR A 482 -14.76 -27.55 12.56
N GLY A 483 -15.47 -28.59 12.98
CA GLY A 483 -16.20 -29.41 12.08
C GLY A 483 -17.56 -28.99 11.64
N ASN A 484 -18.08 -27.91 12.25
CA ASN A 484 -19.40 -27.38 11.93
C ASN A 484 -19.36 -26.10 11.06
N LEU A 485 -18.23 -25.89 10.41
CA LEU A 485 -18.03 -24.75 9.53
C LEU A 485 -18.47 -25.06 8.08
N PRO A 486 -18.73 -24.01 7.28
CA PRO A 486 -18.88 -24.22 5.85
C PRO A 486 -17.61 -24.84 5.22
N VAL A 487 -17.79 -25.41 4.04
CA VAL A 487 -16.72 -25.93 3.27
C VAL A 487 -16.54 -25.17 1.94
N VAL A 488 -15.30 -24.77 1.71
CA VAL A 488 -14.88 -23.98 0.57
C VAL A 488 -13.92 -24.83 -0.31
N MET A 489 -14.48 -25.41 -1.38
CA MET A 489 -13.75 -26.32 -2.24
C MET A 489 -12.82 -25.56 -3.14
N ALA A 490 -11.57 -25.94 -3.14
CA ALA A 490 -10.57 -25.37 -4.02
C ALA A 490 -10.22 -26.40 -5.10
N LYS A 491 -10.70 -26.09 -6.28
CA LYS A 491 -10.83 -26.97 -7.40
C LYS A 491 -10.53 -26.14 -8.64
N THR A 492 -10.10 -26.79 -9.71
CA THR A 492 -10.06 -26.11 -10.99
C THR A 492 -11.44 -25.58 -11.34
N GLN A 493 -11.44 -24.37 -11.88
CA GLN A 493 -12.63 -23.72 -12.40
C GLN A 493 -13.02 -24.20 -13.80
N TYR A 494 -12.12 -24.92 -14.47
CA TYR A 494 -12.25 -25.23 -15.92
C TYR A 494 -13.05 -26.50 -16.23
N SER A 495 -13.54 -27.15 -15.19
CA SER A 495 -14.31 -28.42 -15.31
C SER A 495 -15.20 -28.60 -14.07
N PHE A 496 -16.35 -29.28 -14.21
CA PHE A 496 -17.08 -29.67 -13.05
C PHE A 496 -16.21 -30.61 -12.20
N SER A 497 -15.37 -31.40 -12.85
CA SER A 497 -14.49 -32.35 -12.17
C SER A 497 -13.25 -31.64 -11.70
N ASP A 498 -12.30 -32.37 -11.14
CA ASP A 498 -11.05 -31.79 -10.71
C ASP A 498 -9.95 -31.97 -11.80
N ASP A 499 -10.38 -32.49 -12.94
CA ASP A 499 -9.58 -32.58 -14.14
C ASP A 499 -9.94 -31.46 -15.16
N MET A 500 -9.08 -30.46 -15.22
CA MET A 500 -9.23 -29.32 -16.13
C MET A 500 -9.45 -29.64 -17.62
N THR A 501 -9.16 -30.88 -18.07
CA THR A 501 -9.40 -31.30 -19.45
C THR A 501 -10.80 -31.89 -19.70
N LYS A 502 -11.57 -32.10 -18.63
CA LYS A 502 -12.92 -32.59 -18.77
C LYS A 502 -13.97 -31.48 -18.89
N LEU A 503 -14.09 -30.97 -20.11
CA LEU A 503 -15.07 -29.99 -20.44
C LEU A 503 -16.49 -30.57 -20.53
N GLY A 504 -17.48 -29.72 -20.74
CA GLY A 504 -18.81 -30.18 -20.90
C GLY A 504 -19.40 -30.61 -19.57
N ARG A 505 -20.06 -31.76 -19.59
CA ARG A 505 -20.73 -32.32 -18.41
C ARG A 505 -20.21 -33.75 -18.22
N PRO A 506 -19.04 -33.87 -17.63
CA PRO A 506 -18.44 -35.16 -17.44
C PRO A 506 -19.24 -36.04 -16.47
N ARG A 507 -19.23 -37.33 -16.76
CA ARG A 507 -19.92 -38.37 -15.95
C ARG A 507 -18.90 -39.40 -15.48
N ASN A 508 -19.32 -40.24 -14.52
CA ASN A 508 -18.48 -41.33 -14.05
C ASN A 508 -17.13 -40.80 -13.61
N PHE A 509 -17.10 -39.78 -12.79
CA PHE A 509 -15.80 -39.32 -12.26
C PHE A 509 -15.85 -39.16 -10.78
N THR A 510 -14.67 -39.15 -10.17
CA THR A 510 -14.54 -38.98 -8.73
C THR A 510 -13.62 -37.77 -8.52
N ILE A 511 -13.83 -37.05 -7.43
CA ILE A 511 -13.01 -35.94 -6.96
C ILE A 511 -12.04 -36.48 -5.93
N THR A 512 -10.83 -35.94 -5.90
CA THR A 512 -9.84 -36.37 -4.92
C THR A 512 -9.34 -35.21 -4.09
N VAL A 513 -9.62 -35.25 -2.81
CA VAL A 513 -9.19 -34.23 -1.90
C VAL A 513 -7.82 -34.66 -1.35
N ARG A 514 -6.83 -33.83 -1.63
CA ARG A 514 -5.42 -34.13 -1.34
C ARG A 514 -4.92 -33.48 -0.07
N GLU A 515 -5.50 -32.36 0.28
CA GLU A 515 -5.07 -31.58 1.41
C GLU A 515 -6.28 -30.84 1.93
N VAL A 516 -6.32 -30.58 3.23
CA VAL A 516 -7.39 -29.75 3.80
C VAL A 516 -6.77 -28.71 4.68
N ARG A 517 -7.17 -27.45 4.49
CA ARG A 517 -6.69 -26.34 5.28
C ARG A 517 -7.84 -25.68 6.02
N LEU A 518 -7.48 -24.82 6.96
CA LEU A 518 -8.40 -24.14 7.86
C LEU A 518 -8.22 -22.63 7.73
N SER A 519 -9.32 -21.91 7.55
CA SER A 519 -9.35 -20.44 7.64
C SER A 519 -10.28 -20.10 8.80
N ALA A 520 -9.74 -20.04 10.01
CA ALA A 520 -10.58 -19.97 11.20
C ALA A 520 -11.18 -18.60 11.44
N GLY A 521 -10.51 -17.60 10.89
CA GLY A 521 -10.99 -16.23 10.93
C GLY A 521 -12.14 -15.97 9.98
N ALA A 522 -11.96 -16.36 8.72
CA ALA A 522 -13.04 -16.26 7.73
C ALA A 522 -14.17 -17.23 8.09
N GLY A 523 -13.79 -18.32 8.73
CA GLY A 523 -14.70 -19.25 9.33
C GLY A 523 -15.10 -20.44 8.49
N PHE A 524 -14.17 -20.97 7.73
CA PHE A 524 -14.43 -22.10 6.91
C PHE A 524 -13.24 -23.10 6.69
N ILE A 525 -13.59 -24.30 6.26
CA ILE A 525 -12.67 -25.34 5.94
C ILE A 525 -12.41 -25.29 4.44
N VAL A 526 -11.18 -25.58 4.04
CA VAL A 526 -10.78 -25.50 2.64
C VAL A 526 -10.17 -26.81 2.12
N PRO A 527 -10.97 -27.71 1.59
CA PRO A 527 -10.39 -28.91 1.02
C PRO A 527 -9.86 -28.57 -0.37
N ILE A 528 -8.74 -29.17 -0.72
CA ILE A 528 -7.95 -28.84 -1.90
C ILE A 528 -7.81 -30.06 -2.77
N THR A 529 -8.25 -29.95 -3.99
CA THR A 529 -8.13 -31.04 -4.95
C THR A 529 -6.87 -31.10 -5.86
N GLY A 530 -6.27 -30.02 -6.26
CA GLY A 530 -5.06 -30.17 -7.11
C GLY A 530 -4.17 -29.11 -6.56
N ALA A 531 -3.05 -28.87 -7.20
CA ALA A 531 -2.19 -27.78 -6.72
C ALA A 531 -2.92 -26.46 -6.94
N ILE A 532 -2.99 -25.62 -5.93
CA ILE A 532 -3.57 -24.29 -6.14
C ILE A 532 -2.49 -23.21 -6.22
N MET A 533 -2.57 -22.33 -7.20
CA MET A 533 -1.59 -21.38 -7.34
CA MET A 533 -1.59 -21.30 -7.37
C MET A 533 -2.03 -20.12 -6.55
N THR A 534 -1.54 -20.04 -5.33
CA THR A 534 -1.73 -18.86 -4.47
C THR A 534 -0.76 -17.68 -4.71
N MET A 535 0.24 -17.89 -5.56
CA MET A 535 1.10 -16.82 -6.03
C MET A 535 1.47 -17.04 -7.47
N PRO A 536 0.72 -16.44 -8.41
CA PRO A 536 1.03 -16.63 -9.83
C PRO A 536 2.28 -15.91 -10.15
N GLY A 537 2.93 -16.27 -11.26
CA GLY A 537 4.21 -15.67 -11.64
C GLY A 537 4.05 -14.77 -12.86
N LEU A 538 5.07 -14.02 -13.23
CA LEU A 538 5.02 -13.18 -14.41
C LEU A 538 5.35 -14.01 -15.65
N PRO A 539 4.91 -13.56 -16.86
CA PRO A 539 5.19 -14.34 -18.09
C PRO A 539 6.52 -13.94 -18.78
N LYS A 540 6.87 -14.61 -19.88
CA LYS A 540 8.14 -14.32 -20.58
C LYS A 540 8.25 -12.82 -20.82
N ARG A 541 7.17 -12.28 -21.30
CA ARG A 541 7.16 -10.88 -21.70
C ARG A 541 6.05 -10.24 -20.86
N PRO A 542 6.41 -9.70 -19.66
CA PRO A 542 5.43 -9.03 -18.84
C PRO A 542 4.98 -7.66 -19.42
N ALA A 543 3.69 -7.38 -19.32
CA ALA A 543 3.18 -6.05 -19.61
C ALA A 543 4.09 -4.98 -18.94
N ALA A 544 4.66 -5.26 -17.78
CA ALA A 544 5.49 -4.20 -17.14
C ALA A 544 6.52 -3.59 -18.12
N CYS A 545 7.15 -4.44 -18.94
CA CYS A 545 8.14 -3.94 -19.95
C CYS A 545 7.60 -2.95 -21.01
N ASN A 546 6.31 -3.03 -21.28
CA ASN A 546 5.78 -2.23 -22.32
C ASN A 546 5.02 -1.06 -21.78
N ILE A 547 4.89 -0.98 -20.45
CA ILE A 547 4.13 0.12 -19.86
C ILE A 547 4.98 1.40 -19.80
N ASP A 548 4.38 2.50 -20.20
CA ASP A 548 5.04 3.78 -20.08
C ASP A 548 4.01 4.80 -19.73
N ILE A 549 4.50 5.99 -19.35
CA ILE A 549 3.68 7.18 -19.11
C ILE A 549 4.51 8.40 -19.51
N ASP A 550 3.92 9.26 -20.32
CA ASP A 550 4.68 10.45 -20.88
C ASP A 550 4.55 11.78 -20.05
N ALA A 551 5.10 12.85 -20.60
CA ALA A 551 5.14 14.08 -19.86
C ALA A 551 3.73 14.62 -19.64
N ASP A 552 2.81 14.19 -20.49
CA ASP A 552 1.44 14.68 -20.37
C ASP A 552 0.61 13.80 -19.46
N GLY A 553 1.23 12.78 -18.86
CA GLY A 553 0.54 11.76 -18.06
C GLY A 553 -0.27 10.73 -18.87
N VAL A 554 -0.01 10.63 -20.18
CA VAL A 554 -0.65 9.59 -21.01
C VAL A 554 0.09 8.27 -20.82
N ILE A 555 -0.71 7.25 -20.58
CA ILE A 555 -0.24 5.97 -20.18
C ILE A 555 -0.39 4.95 -21.30
N THR A 556 0.73 4.41 -21.76
CA THR A 556 0.67 3.34 -22.78
C THR A 556 1.09 1.98 -22.23
N GLY A 557 0.55 0.92 -22.87
CA GLY A 557 0.91 -0.50 -22.49
C GLY A 557 0.12 -1.14 -21.37
N LEU A 558 -0.78 -0.36 -20.76
CA LEU A 558 -1.54 -0.83 -19.60
C LEU A 558 -2.69 -1.70 -19.97
N PHE A 559 -3.18 -1.54 -21.18
CA PHE A 559 -4.42 -2.23 -21.59
C PHE A 559 -4.39 -2.60 -23.06
N PRO B 5 -1.80 18.37 28.95
CA PRO B 5 -2.52 17.43 28.10
C PRO B 5 -1.53 16.66 27.20
N SER B 6 -1.94 15.51 26.67
CA SER B 6 -1.04 14.71 25.81
C SER B 6 -1.00 15.28 24.36
N ASP B 7 0.03 14.89 23.59
CA ASP B 7 0.11 15.36 22.20
C ASP B 7 -1.13 14.97 21.39
N ILE B 8 -1.55 13.72 21.51
CA ILE B 8 -2.77 13.24 20.82
C ILE B 8 -4.05 14.01 21.27
N GLU B 9 -4.17 14.28 22.57
CA GLU B 9 -5.30 15.03 23.11
C GLU B 9 -5.30 16.43 22.49
N ILE B 10 -4.17 17.11 22.53
CA ILE B 10 -4.05 18.39 21.81
C ILE B 10 -4.54 18.21 20.35
N ALA B 11 -3.96 17.21 19.70
CA ALA B 11 -4.36 16.90 18.32
C ALA B 11 -5.86 16.66 18.13
N GLN B 12 -6.50 15.97 19.08
CA GLN B 12 -7.98 15.70 18.96
C GLN B 12 -8.75 17.03 18.99
N ALA B 13 -8.29 17.96 19.83
CA ALA B 13 -9.02 19.25 20.06
C ALA B 13 -8.79 20.31 18.97
N ALA B 14 -7.89 20.04 18.02
CA ALA B 14 -7.63 20.96 16.89
C ALA B 14 -8.93 21.17 16.13
N LYS B 15 -9.19 22.44 15.79
CA LYS B 15 -10.31 22.85 14.93
C LYS B 15 -9.54 22.94 13.61
N MET B 16 -9.66 21.88 12.83
CA MET B 16 -8.97 21.84 11.55
C MET B 16 -9.82 22.59 10.50
N LYS B 17 -9.18 23.41 9.66
CA LYS B 17 -9.91 23.88 8.47
C LYS B 17 -9.98 22.80 7.39
N PRO B 18 -11.07 22.78 6.62
CA PRO B 18 -11.04 22.03 5.38
C PRO B 18 -9.87 22.50 4.56
N VAL B 19 -9.18 21.56 3.96
CA VAL B 19 -7.89 21.82 3.35
C VAL B 19 -8.10 22.59 2.04
N MET B 20 -9.27 22.39 1.43
CA MET B 20 -9.64 23.14 0.21
C MET B 20 -9.56 24.66 0.47
N GLU B 21 -10.24 25.15 1.50
CA GLU B 21 -10.07 26.56 1.93
C GLU B 21 -8.63 26.99 1.99
N LEU B 22 -7.77 26.18 2.58
CA LEU B 22 -6.35 26.59 2.69
C LEU B 22 -5.77 26.67 1.29
N ALA B 23 -6.09 25.67 0.48
CA ALA B 23 -5.61 25.64 -0.89
C ALA B 23 -6.03 26.93 -1.68
N ARG B 24 -7.30 27.29 -1.73
CA ARG B 24 -7.82 28.48 -2.47
CA ARG B 24 -7.69 28.47 -2.50
C ARG B 24 -7.04 29.71 -1.95
N GLY B 25 -6.93 29.83 -0.63
CA GLY B 25 -6.24 30.96 0.03
C GLY B 25 -4.76 31.05 -0.33
N LEU B 26 -4.18 29.91 -0.67
CA LEU B 26 -2.84 29.91 -1.20
C LEU B 26 -2.85 30.26 -2.70
N GLY B 27 -4.02 30.51 -3.27
CA GLY B 27 -4.13 30.70 -4.72
C GLY B 27 -4.06 29.43 -5.55
N ILE B 28 -4.12 28.26 -4.89
CA ILE B 28 -4.27 26.99 -5.59
C ILE B 28 -5.71 26.88 -6.08
N GLN B 29 -5.88 26.49 -7.36
CA GLN B 29 -7.22 26.33 -7.93
C GLN B 29 -7.80 24.99 -7.52
N GLU B 30 -9.12 24.89 -7.61
CA GLU B 30 -9.83 23.73 -7.13
C GLU B 30 -9.34 22.52 -7.88
N ASP B 31 -9.28 22.61 -9.22
CA ASP B 31 -8.93 21.45 -10.11
C ASP B 31 -7.47 21.01 -9.94
N GLU B 32 -6.72 21.71 -9.10
CA GLU B 32 -5.34 21.33 -8.80
C GLU B 32 -5.24 20.61 -7.47
N VAL B 33 -6.38 20.34 -6.84
CA VAL B 33 -6.48 19.73 -5.51
C VAL B 33 -7.25 18.45 -5.58
N GLU B 34 -6.74 17.42 -4.91
CA GLU B 34 -7.33 16.10 -4.98
C GLU B 34 -7.52 15.68 -3.51
N LEU B 35 -8.77 15.75 -3.05
CA LEU B 35 -9.10 15.54 -1.65
C LEU B 35 -8.96 14.09 -1.28
N TYR B 36 -8.42 13.87 -0.08
CA TYR B 36 -8.55 12.60 0.67
C TYR B 36 -9.29 13.04 1.92
N GLY B 37 -10.61 13.07 1.90
CA GLY B 37 -11.34 13.50 3.05
C GLY B 37 -11.31 14.99 3.05
N LYS B 38 -11.80 15.61 4.13
CA LYS B 38 -11.85 17.04 4.26
C LYS B 38 -10.53 17.69 4.62
N TYR B 39 -9.62 16.93 5.25
CA TYR B 39 -8.47 17.48 5.94
C TYR B 39 -7.11 17.08 5.39
N LYS B 40 -7.12 16.37 4.26
CA LYS B 40 -5.88 16.07 3.48
C LYS B 40 -6.13 16.26 2.00
N ALA B 41 -5.12 16.66 1.25
CA ALA B 41 -5.25 16.70 -0.20
C ALA B 41 -3.94 16.55 -0.95
N LYS B 42 -3.99 16.07 -2.19
CA LYS B 42 -2.77 16.12 -3.02
C LYS B 42 -2.83 17.30 -3.94
N ILE B 43 -1.67 17.97 -4.10
CA ILE B 43 -1.56 19.15 -4.94
C ILE B 43 -0.85 18.88 -6.29
N SER B 44 -1.44 19.35 -7.38
CA SER B 44 -0.94 18.99 -8.72
C SER B 44 0.41 19.68 -9.00
N LEU B 45 1.26 19.02 -9.79
CA LEU B 45 2.52 19.60 -10.22
C LEU B 45 2.36 20.76 -11.24
N ASP B 46 1.13 20.98 -11.69
CA ASP B 46 0.79 22.16 -12.53
C ASP B 46 0.82 23.48 -11.77
N VAL B 47 0.76 23.41 -10.42
CA VAL B 47 0.87 24.64 -9.62
C VAL B 47 2.28 25.20 -9.76
N TYR B 48 3.28 24.32 -9.70
CA TYR B 48 4.69 24.73 -9.99
C TYR B 48 4.87 25.12 -11.48
N ARG B 49 4.26 24.37 -12.40
CA ARG B 49 4.44 24.59 -13.85
C ARG B 49 3.97 25.99 -14.22
N ARG B 50 2.74 26.33 -13.80
CA ARG B 50 2.17 27.62 -14.10
C ARG B 50 2.78 28.77 -13.29
N LEU B 51 3.37 28.50 -12.13
CA LEU B 51 4.05 29.57 -11.37
C LEU B 51 5.55 29.50 -11.58
N LYS B 52 5.97 28.87 -12.67
CA LYS B 52 7.38 28.59 -12.95
C LYS B 52 8.27 29.82 -12.76
N ASP B 53 7.78 30.96 -13.20
CA ASP B 53 8.56 32.21 -13.16
C ASP B 53 8.13 33.19 -12.07
N LYS B 54 7.00 32.96 -11.39
CA LYS B 54 6.67 33.77 -10.21
C LYS B 54 7.85 33.58 -9.30
N PRO B 55 8.19 34.61 -8.52
CA PRO B 55 9.44 34.50 -7.77
C PRO B 55 9.36 33.53 -6.61
N ASP B 56 10.52 32.98 -6.27
CA ASP B 56 10.66 32.14 -5.09
C ASP B 56 10.59 33.04 -3.86
N GLY B 57 10.06 32.48 -2.78
CA GLY B 57 10.01 33.16 -1.50
C GLY B 57 11.26 32.82 -0.77
N LYS B 58 11.29 33.15 0.51
CA LYS B 58 12.51 32.89 1.30
C LYS B 58 12.57 31.46 1.79
N LEU B 59 13.78 30.87 1.79
CA LEU B 59 13.97 29.46 2.20
C LEU B 59 14.65 29.35 3.59
N ILE B 60 13.94 28.79 4.57
CA ILE B 60 14.49 28.58 5.92
C ILE B 60 14.66 27.12 6.28
N LEU B 61 15.90 26.71 6.46
CA LEU B 61 16.22 25.37 6.93
C LEU B 61 16.29 25.33 8.44
N VAL B 62 15.73 24.28 9.01
CA VAL B 62 15.77 24.02 10.42
C VAL B 62 16.52 22.74 10.56
N THR B 63 17.61 22.85 11.27
CA THR B 63 18.44 21.72 11.65
C THR B 63 18.65 21.77 13.17
N ALA B 64 19.57 20.96 13.64
CA ALA B 64 19.77 20.79 15.05
C ALA B 64 21.22 20.44 15.35
N ILE B 65 21.54 20.58 16.64
CA ILE B 65 22.77 20.04 17.17
C ILE B 65 22.68 18.55 17.09
N THR B 66 23.80 17.93 17.46
CA THR B 66 23.99 16.51 17.42
C THR B 66 22.99 15.84 18.32
N PRO B 67 22.22 14.82 17.77
CA PRO B 67 21.15 14.22 18.57
C PRO B 67 21.67 13.51 19.78
N THR B 68 20.78 13.36 20.76
CA THR B 68 21.11 12.65 22.01
C THR B 68 19.85 12.02 22.55
N PRO B 69 20.01 11.16 23.57
CA PRO B 69 18.83 10.64 24.30
C PRO B 69 17.94 11.71 24.94
N ALA B 70 18.45 12.93 25.11
CA ALA B 70 17.67 14.02 25.71
C ALA B 70 16.59 14.58 24.78
N GLY B 71 16.78 14.46 23.46
CA GLY B 71 15.81 15.02 22.50
C GLY B 71 15.98 16.53 22.38
N GLU B 72 15.87 17.06 21.16
CA GLU B 72 16.17 18.48 20.87
C GLU B 72 14.95 19.25 20.32
N GLY B 73 13.87 18.52 19.96
CA GLY B 73 12.58 19.07 19.50
C GLY B 73 12.68 19.94 18.24
N LYS B 74 13.42 19.42 17.25
CA LYS B 74 13.57 20.06 15.92
C LYS B 74 12.22 20.23 15.17
N THR B 75 11.50 19.14 14.96
CA THR B 75 10.25 19.28 14.19
C THR B 75 9.30 20.29 14.88
N THR B 76 9.20 20.16 16.22
CA THR B 76 8.41 21.05 17.06
C THR B 76 8.75 22.51 16.81
N THR B 77 10.01 22.81 16.80
CA THR B 77 10.43 24.13 16.46
C THR B 77 10.09 24.55 15.01
N SER B 78 10.32 23.69 14.01
CA SER B 78 9.95 24.03 12.59
C SER B 78 8.50 24.44 12.46
N VAL B 79 7.63 23.62 13.06
CA VAL B 79 6.19 23.92 13.05
C VAL B 79 5.86 25.20 13.85
N GLY B 80 6.50 25.35 15.00
CA GLY B 80 6.25 26.51 15.88
C GLY B 80 6.73 27.79 15.25
N LEU B 81 7.89 27.72 14.59
CA LEU B 81 8.46 28.90 13.88
C LEU B 81 7.47 29.30 12.77
N THR B 82 6.89 28.30 12.07
CA THR B 82 5.90 28.53 11.01
C THR B 82 4.62 29.23 11.52
N ASP B 83 4.11 28.77 12.67
CA ASP B 83 2.94 29.39 13.30
C ASP B 83 3.24 30.81 13.81
N ALA B 84 4.46 31.04 14.28
CA ALA B 84 4.88 32.37 14.68
C ALA B 84 4.78 33.32 13.47
N LEU B 85 5.47 32.96 12.39
CA LEU B 85 5.46 33.82 11.17
C LEU B 85 4.03 34.05 10.69
N ALA B 86 3.21 33.01 10.71
CA ALA B 86 1.79 33.22 10.39
C ALA B 86 1.18 34.32 11.29
N ARG B 87 1.56 34.34 12.57
CA ARG B 87 0.96 35.28 13.52
C ARG B 87 1.42 36.66 13.20
N LEU B 88 2.68 36.80 12.85
CA LEU B 88 3.17 38.07 12.35
C LEU B 88 2.69 38.43 10.91
N GLY B 89 1.54 37.90 10.50
CA GLY B 89 0.96 38.22 9.21
C GLY B 89 1.69 37.76 7.94
N LYS B 90 2.73 36.96 8.05
CA LYS B 90 3.43 36.48 6.85
C LYS B 90 2.73 35.29 6.19
N ARG B 91 3.06 35.12 4.90
CA ARG B 91 2.52 34.08 4.01
C ARG B 91 3.56 33.01 4.05
N VAL B 92 3.22 31.92 4.72
CA VAL B 92 4.24 30.96 5.12
C VAL B 92 3.71 29.56 4.98
N MET B 93 4.63 28.63 4.67
CA MET B 93 4.33 27.19 4.68
C MET B 93 5.48 26.45 5.27
N VAL B 94 5.14 25.37 5.97
CA VAL B 94 6.15 24.42 6.45
C VAL B 94 6.03 23.15 5.63
N CYS B 95 7.17 22.56 5.33
CA CYS B 95 7.28 21.33 4.61
C CYS B 95 7.97 20.32 5.50
N LEU B 96 7.38 19.12 5.64
CA LEU B 96 7.96 18.02 6.47
C LEU B 96 7.97 16.64 5.83
N ARG B 97 8.75 15.73 6.43
CA ARG B 97 8.77 14.34 5.97
C ARG B 97 7.59 13.50 6.47
N GLU B 98 7.27 12.43 5.75
CA GLU B 98 6.24 11.46 6.19
C GLU B 98 6.90 10.38 6.97
N PRO B 99 6.38 10.08 8.18
CA PRO B 99 6.96 9.00 8.94
C PRO B 99 6.53 7.64 8.48
N SER B 100 7.42 6.67 8.74
CA SER B 100 7.18 5.29 8.46
C SER B 100 5.98 4.80 9.27
N LEU B 101 5.21 3.91 8.71
CA LEU B 101 4.14 3.24 9.44
C LEU B 101 4.65 2.30 10.54
N GLY B 102 5.76 1.61 10.29
CA GLY B 102 6.29 0.60 11.22
C GLY B 102 6.42 0.95 12.70
N PRO B 103 7.11 2.03 13.01
CA PRO B 103 7.27 2.48 14.40
C PRO B 103 5.97 2.58 15.21
N SER B 104 4.86 2.90 14.56
CA SER B 104 3.57 2.98 15.25
C SER B 104 3.24 1.69 15.97
N PHE B 105 3.70 0.57 15.44
CA PHE B 105 3.39 -0.74 16.01
C PHE B 105 4.54 -1.33 16.87
N GLY B 106 5.64 -0.60 16.93
CA GLY B 106 6.82 -1.08 17.59
C GLY B 106 6.95 -0.31 18.86
N ILE B 107 7.62 0.80 18.78
CA ILE B 107 7.78 1.69 19.97
C ILE B 107 6.85 2.90 19.89
N LYS B 108 6.89 3.60 18.74
CA LYS B 108 6.51 5.01 18.63
C LYS B 108 5.08 5.13 18.26
N GLY B 109 4.81 5.98 17.26
CA GLY B 109 3.55 6.67 17.12
C GLY B 109 3.76 8.00 17.83
N GLY B 110 4.20 9.04 17.10
CA GLY B 110 4.28 10.41 17.66
C GLY B 110 3.57 11.53 16.89
N ALA B 111 3.46 12.71 17.48
CA ALA B 111 2.95 13.87 16.73
C ALA B 111 3.98 14.24 15.63
N ALA B 112 3.52 14.86 14.54
CA ALA B 112 4.41 15.59 13.66
C ALA B 112 4.75 16.93 14.34
N GLY B 113 5.84 16.96 15.10
CA GLY B 113 6.15 18.05 16.03
C GLY B 113 5.81 17.60 17.45
N GLY B 114 5.35 18.52 18.30
CA GLY B 114 5.07 18.22 19.71
C GLY B 114 4.26 19.32 20.39
N GLY B 115 3.49 18.93 21.42
CA GLY B 115 2.71 19.88 22.24
C GLY B 115 1.81 20.77 21.39
N TYR B 116 1.90 22.09 21.56
CA TYR B 116 1.11 23.05 20.74
C TYR B 116 1.74 23.43 19.37
N ALA B 117 2.77 22.68 18.95
CA ALA B 117 3.41 22.83 17.62
C ALA B 117 3.38 21.49 16.86
N GLN B 118 2.22 21.20 16.27
CA GLN B 118 2.02 20.00 15.49
C GLN B 118 1.41 20.31 14.13
N VAL B 119 1.64 19.36 13.20
CA VAL B 119 0.86 19.22 11.98
C VAL B 119 -0.11 18.05 12.10
N VAL B 120 -1.36 18.24 11.60
CA VAL B 120 -2.51 17.30 11.77
C VAL B 120 -3.18 16.99 10.40
N PRO B 121 -3.96 15.89 10.30
CA PRO B 121 -4.37 14.90 11.31
C PRO B 121 -3.30 13.89 11.65
N MET B 122 -2.90 13.91 12.93
CA MET B 122 -1.75 13.16 13.46
C MET B 122 -1.89 11.70 13.19
N GLU B 123 -3.05 11.16 13.50
CA GLU B 123 -3.29 9.72 13.28
C GLU B 123 -3.14 9.18 11.82
N ASP B 124 -3.71 9.89 10.85
CA ASP B 124 -3.60 9.49 9.45
C ASP B 124 -2.16 9.65 8.98
N ILE B 125 -1.52 10.74 9.37
CA ILE B 125 -0.07 10.92 9.09
C ILE B 125 0.76 9.72 9.52
N ASN B 126 0.45 9.15 10.67
CA ASN B 126 1.27 8.05 11.20
C ASN B 126 1.03 6.68 10.55
N LEU B 127 -0.08 6.54 9.80
CA LEU B 127 -0.52 5.26 9.28
C LEU B 127 -0.41 5.25 7.78
N HIS B 128 -1.54 5.07 7.08
CA HIS B 128 -1.51 4.98 5.62
C HIS B 128 -1.34 6.34 4.95
N PHE B 129 -1.71 7.40 5.69
CA PHE B 129 -1.76 8.81 5.20
C PHE B 129 -2.41 8.84 3.82
N THR B 130 -1.75 9.33 2.78
CA THR B 130 -2.35 9.34 1.44
C THR B 130 -1.78 8.22 0.56
N GLY B 131 -1.21 7.20 1.15
CA GLY B 131 -0.63 6.09 0.40
C GLY B 131 0.73 6.15 -0.32
N ASP B 132 1.51 7.21 -0.12
CA ASP B 132 2.75 7.38 -0.84
C ASP B 132 3.76 6.25 -0.52
N ILE B 133 3.81 5.81 0.72
CA ILE B 133 4.75 4.73 1.05
C ILE B 133 4.35 3.38 0.43
N HIS B 134 3.05 3.15 0.27
CA HIS B 134 2.63 1.94 -0.47
C HIS B 134 3.04 2.03 -1.92
N ALA B 135 2.95 3.22 -2.50
CA ALA B 135 3.39 3.38 -3.88
C ALA B 135 4.89 3.12 -4.01
N VAL B 136 5.66 3.66 -3.06
CA VAL B 136 7.09 3.37 -2.97
C VAL B 136 7.35 1.86 -2.85
N THR B 137 6.66 1.22 -1.93
CA THR B 137 6.87 -0.20 -1.64
C THR B 137 6.68 -1.02 -2.92
N TYR B 138 5.59 -0.73 -3.62
CA TYR B 138 5.23 -1.45 -4.85
C TYR B 138 6.15 -1.17 -6.04
N ALA B 139 6.57 0.09 -6.21
CA ALA B 139 7.47 0.43 -7.28
C ALA B 139 8.79 -0.34 -7.08
N HIS B 140 9.27 -0.32 -5.86
CA HIS B 140 10.50 -1.03 -5.49
C HIS B 140 10.38 -2.57 -5.68
N ASN B 141 9.30 -3.15 -5.17
CA ASN B 141 9.13 -4.59 -5.16
C ASN B 141 8.78 -5.10 -6.53
N LEU B 142 8.16 -4.27 -7.37
CA LEU B 142 7.96 -4.66 -8.75
C LEU B 142 9.29 -4.87 -9.46
N LEU B 143 10.19 -3.91 -9.32
CA LEU B 143 11.48 -4.02 -9.93
C LEU B 143 12.17 -5.35 -9.53
N ALA B 144 12.14 -5.65 -8.24
CA ALA B 144 12.68 -6.93 -7.70
C ALA B 144 11.99 -8.15 -8.32
N ALA B 145 10.68 -8.09 -8.47
CA ALA B 145 9.97 -9.18 -9.05
C ALA B 145 10.37 -9.32 -10.54
N MET B 146 10.65 -8.19 -11.16
CA MET B 146 11.09 -8.20 -12.54
C MET B 146 12.50 -8.74 -12.70
N VAL B 147 13.39 -8.41 -11.77
CA VAL B 147 14.72 -8.97 -11.75
C VAL B 147 14.64 -10.47 -11.65
N ASP B 148 13.83 -10.96 -10.74
CA ASP B 148 13.72 -12.38 -10.50
C ASP B 148 13.10 -13.12 -11.66
N ASN B 149 12.04 -12.55 -12.24
CA ASN B 149 11.46 -13.09 -13.47
C ASN B 149 12.48 -13.17 -14.63
N HIS B 150 13.27 -12.13 -14.79
CA HIS B 150 14.34 -12.12 -15.77
C HIS B 150 15.28 -13.31 -15.65
N LEU B 151 15.71 -13.61 -14.43
CA LEU B 151 16.53 -14.80 -14.18
C LEU B 151 15.81 -16.09 -14.60
N GLN B 152 14.55 -16.19 -14.18
CA GLN B 152 13.72 -17.37 -14.45
C GLN B 152 13.50 -17.53 -15.94
N GLN B 153 13.41 -16.43 -16.68
CA GLN B 153 13.04 -16.53 -18.11
C GLN B 153 14.25 -16.74 -19.00
N GLY B 154 15.32 -17.34 -18.53
CA GLY B 154 16.51 -17.50 -19.39
C GLY B 154 17.70 -16.58 -19.09
N ASN B 155 17.56 -15.64 -18.16
CA ASN B 155 18.63 -14.70 -17.83
C ASN B 155 19.36 -14.11 -19.08
N VAL B 156 18.58 -13.46 -19.94
CA VAL B 156 19.14 -12.88 -21.18
C VAL B 156 20.31 -11.89 -20.93
N LEU B 157 20.29 -11.18 -19.81
CA LEU B 157 21.26 -10.14 -19.56
C LEU B 157 22.43 -10.71 -18.85
N ASN B 158 22.32 -11.99 -18.57
CA ASN B 158 23.40 -12.67 -17.97
C ASN B 158 23.79 -12.17 -16.55
N ILE B 159 22.76 -11.86 -15.78
CA ILE B 159 22.96 -11.38 -14.42
C ILE B 159 23.48 -12.49 -13.55
N ASP B 160 24.52 -12.24 -12.74
CA ASP B 160 24.95 -13.16 -11.70
C ASP B 160 24.08 -12.93 -10.50
N PRO B 161 23.13 -13.86 -10.21
CA PRO B 161 22.15 -13.66 -9.12
C PRO B 161 22.80 -13.35 -7.82
N ARG B 162 24.02 -13.82 -7.63
CA ARG B 162 24.73 -13.66 -6.36
C ARG B 162 25.29 -12.26 -6.16
N THR B 163 25.20 -11.39 -7.18
CA THR B 163 25.69 -10.02 -7.09
C THR B 163 24.56 -9.00 -6.94
N ILE B 164 23.33 -9.49 -7.00
CA ILE B 164 22.17 -8.57 -7.02
C ILE B 164 22.17 -7.72 -5.72
N THR B 165 22.14 -6.40 -5.87
CA THR B 165 22.14 -5.47 -4.75
C THR B 165 20.71 -4.98 -4.48
N TRP B 166 19.79 -5.14 -5.42
CA TRP B 166 18.41 -4.70 -5.22
C TRP B 166 17.64 -5.66 -4.29
N ARG B 167 17.37 -5.19 -3.08
CA ARG B 167 16.63 -5.97 -2.09
C ARG B 167 15.14 -5.68 -2.26
N ARG B 168 14.29 -6.21 -1.39
CA ARG B 168 12.86 -5.87 -1.40
C ARG B 168 12.59 -4.96 -0.21
N VAL B 169 11.37 -4.42 -0.10
CA VAL B 169 11.03 -3.58 1.07
C VAL B 169 9.68 -3.91 1.67
N ILE B 170 9.48 -3.50 2.92
CA ILE B 170 8.15 -3.47 3.50
C ILE B 170 8.19 -2.46 4.61
N ASP B 171 7.08 -1.78 4.87
CA ASP B 171 7.11 -0.72 5.91
C ASP B 171 6.74 -1.10 7.32
N LEU B 172 7.16 -2.27 7.73
CA LEU B 172 7.02 -2.82 9.06
C LEU B 172 8.39 -3.16 9.57
N ASN B 173 8.56 -3.09 10.89
CA ASN B 173 9.84 -3.46 11.53
C ASN B 173 9.89 -4.95 11.70
N ASP B 174 10.58 -5.64 10.82
CA ASP B 174 10.58 -7.09 10.84
C ASP B 174 11.95 -7.65 10.62
N ARG B 175 12.60 -8.01 11.72
CA ARG B 175 14.00 -8.44 11.65
C ARG B 175 14.16 -9.78 10.95
N ALA B 176 13.13 -10.62 11.01
CA ALA B 176 13.17 -11.94 10.35
C ALA B 176 13.28 -11.83 8.83
N LEU B 177 12.99 -10.67 8.26
CA LEU B 177 13.20 -10.47 6.81
C LEU B 177 14.57 -9.88 6.39
N ARG B 178 15.42 -9.57 7.35
CA ARG B 178 16.76 -9.01 7.03
C ARG B 178 17.57 -9.87 6.10
N ASN B 179 17.68 -11.15 6.43
CA ASN B 179 18.46 -12.09 5.62
C ASN B 179 17.60 -13.35 5.31
N ILE B 180 17.33 -13.55 4.04
CA ILE B 180 16.52 -14.63 3.57
C ILE B 180 17.09 -15.32 2.33
N VAL B 181 16.58 -16.50 2.02
CA VAL B 181 16.83 -17.17 0.78
C VAL B 181 15.53 -17.33 0.03
N ILE B 182 15.45 -16.84 -1.19
CA ILE B 182 14.25 -16.96 -2.00
C ILE B 182 14.49 -17.86 -3.19
N GLY B 183 13.47 -18.08 -3.98
CA GLY B 183 13.60 -18.75 -5.22
C GLY B 183 13.69 -20.24 -5.09
N LEU B 184 13.13 -20.76 -4.02
CA LEU B 184 13.23 -22.20 -3.72
C LEU B 184 12.05 -23.03 -4.31
N GLY B 185 12.23 -24.33 -4.34
CA GLY B 185 11.20 -25.24 -4.77
C GLY B 185 11.38 -25.82 -6.16
N GLY B 186 12.35 -25.41 -6.95
CA GLY B 186 12.55 -26.09 -8.20
C GLY B 186 12.39 -25.20 -9.41
N LYS B 187 12.70 -25.84 -10.52
CA LYS B 187 12.59 -25.27 -11.87
C LYS B 187 11.43 -24.33 -12.08
N ALA B 188 10.30 -24.71 -11.52
CA ALA B 188 9.09 -24.00 -11.65
C ALA B 188 9.01 -22.75 -10.80
N ASN B 189 9.83 -22.60 -9.78
CA ASN B 189 9.63 -21.54 -8.79
C ASN B 189 10.69 -20.48 -8.57
N GLY B 190 11.55 -20.31 -9.55
CA GLY B 190 12.55 -19.30 -9.51
C GLY B 190 13.95 -19.85 -9.36
N VAL B 191 14.88 -18.96 -9.05
CA VAL B 191 16.30 -19.28 -9.02
C VAL B 191 16.72 -19.00 -7.58
N PRO B 192 17.20 -20.00 -6.89
CA PRO B 192 17.59 -19.71 -5.50
C PRO B 192 18.65 -18.61 -5.36
N ARG B 193 18.40 -17.70 -4.46
CA ARG B 193 19.32 -16.66 -4.12
C ARG B 193 19.06 -16.02 -2.75
N GLU B 194 20.13 -15.39 -2.26
CA GLU B 194 20.17 -14.72 -0.97
C GLU B 194 19.81 -13.25 -1.13
N THR B 195 18.98 -12.75 -0.25
CA THR B 195 18.57 -11.39 -0.36
C THR B 195 17.93 -11.06 0.99
N GLY B 196 17.00 -10.12 0.98
CA GLY B 196 16.35 -9.67 2.19
C GLY B 196 15.50 -8.47 1.96
N PHE B 197 14.95 -7.94 3.02
CA PHE B 197 14.10 -6.74 2.98
C PHE B 197 14.70 -5.58 3.76
N ASP B 198 14.41 -4.36 3.34
CA ASP B 198 14.62 -3.19 4.15
C ASP B 198 13.31 -2.47 4.43
N ILE B 199 13.29 -1.62 5.45
CA ILE B 199 12.12 -0.84 5.70
C ILE B 199 11.88 0.07 4.47
N SER B 200 10.62 0.26 4.12
CA SER B 200 10.27 0.93 2.87
C SER B 200 10.84 2.32 2.73
N VAL B 201 10.88 3.05 3.83
CA VAL B 201 11.44 4.40 3.83
C VAL B 201 12.95 4.48 3.53
N ALA B 202 13.65 3.35 3.64
CA ALA B 202 15.06 3.23 3.26
C ALA B 202 15.27 3.04 1.77
N SER B 203 14.20 2.79 1.03
CA SER B 203 14.31 2.45 -0.37
C SER B 203 14.96 3.54 -1.19
N GLU B 204 15.80 3.18 -2.17
CA GLU B 204 16.30 4.15 -3.20
C GLU B 204 15.19 4.87 -3.95
N VAL B 205 14.05 4.16 -4.12
CA VAL B 205 12.87 4.72 -4.75
C VAL B 205 12.34 5.88 -3.95
N MET B 206 12.41 5.75 -2.61
CA MET B 206 12.01 6.88 -1.73
C MET B 206 12.94 8.08 -1.89
N ALA B 207 14.23 7.82 -1.95
CA ALA B 207 15.24 8.87 -2.19
C ALA B 207 15.06 9.50 -3.57
N CYS B 208 14.71 8.69 -4.56
CA CYS B 208 14.41 9.20 -5.88
C CYS B 208 13.19 10.10 -5.88
N LEU B 209 12.11 9.67 -5.21
CA LEU B 209 10.90 10.47 -5.11
C LEU B 209 11.23 11.86 -4.58
N CYS B 210 12.05 11.88 -3.52
CA CYS B 210 12.33 13.14 -2.85
C CYS B 210 13.31 14.04 -3.65
N LEU B 211 14.03 13.48 -4.64
CA LEU B 211 14.97 14.28 -5.44
C LEU B 211 14.49 14.48 -6.88
N ALA B 212 13.30 14.03 -7.21
CA ALA B 212 12.86 14.19 -8.57
C ALA B 212 12.26 15.58 -8.75
N SER B 213 12.44 16.19 -9.91
CA SER B 213 11.77 17.47 -10.18
C SER B 213 10.36 17.27 -10.64
N ASP B 214 10.09 16.15 -11.31
CA ASP B 214 8.74 15.89 -11.87
C ASP B 214 8.70 14.45 -12.21
N LEU B 215 7.60 13.98 -12.75
CA LEU B 215 7.43 12.55 -12.92
C LEU B 215 8.35 12.01 -14.00
N MET B 216 8.59 12.78 -15.04
CA MET B 216 9.49 12.31 -16.09
C MET B 216 10.92 12.22 -15.59
N ASP B 217 11.32 13.18 -14.76
CA ASP B 217 12.63 13.02 -14.10
C ASP B 217 12.61 11.78 -13.18
N LEU B 218 11.55 11.61 -12.40
CA LEU B 218 11.50 10.39 -11.53
C LEU B 218 11.70 9.13 -12.37
N LYS B 219 10.99 9.04 -13.50
CA LYS B 219 11.17 7.90 -14.44
C LYS B 219 12.62 7.68 -14.89
N GLU B 220 13.24 8.75 -15.40
CA GLU B 220 14.59 8.68 -15.87
C GLU B 220 15.47 8.19 -14.71
N ARG B 221 15.29 8.75 -13.52
CA ARG B 221 16.06 8.27 -12.35
C ARG B 221 15.92 6.75 -12.16
N PHE B 222 14.69 6.27 -12.27
CA PHE B 222 14.43 4.83 -12.14
C PHE B 222 15.28 4.00 -13.11
N SER B 223 15.32 4.43 -14.36
CA SER B 223 16.03 3.73 -15.43
C SER B 223 17.47 3.59 -15.13
N ARG B 224 18.02 4.48 -14.29
CA ARG B 224 19.44 4.42 -13.97
C ARG B 224 19.72 3.62 -12.74
N ILE B 225 18.69 3.15 -12.05
CA ILE B 225 18.98 2.29 -10.88
C ILE B 225 19.81 1.06 -11.29
N VAL B 226 20.87 0.78 -10.52
CA VAL B 226 21.71 -0.40 -10.71
C VAL B 226 21.18 -1.50 -9.78
N VAL B 227 20.82 -2.65 -10.34
CA VAL B 227 20.22 -3.74 -9.56
C VAL B 227 21.16 -4.90 -9.33
N GLY B 228 22.26 -4.96 -10.12
CA GLY B 228 23.28 -6.02 -10.02
C GLY B 228 24.26 -5.99 -11.18
N TYR B 229 25.05 -7.04 -11.29
CA TYR B 229 26.10 -7.13 -12.29
C TYR B 229 25.96 -8.41 -13.11
N THR B 230 26.47 -8.37 -14.36
CA THR B 230 26.60 -9.60 -15.17
C THR B 230 27.72 -10.46 -14.61
N TYR B 231 27.79 -11.72 -15.04
CA TYR B 231 28.92 -12.54 -14.69
C TYR B 231 30.25 -11.91 -15.11
N ASP B 232 30.24 -11.01 -16.09
CA ASP B 232 31.50 -10.30 -16.48
C ASP B 232 31.78 -8.98 -15.70
N GLY B 233 30.89 -8.60 -14.78
CA GLY B 233 31.14 -7.42 -13.94
C GLY B 233 30.48 -6.16 -14.44
N LYS B 234 29.70 -6.25 -15.53
CA LYS B 234 29.01 -5.12 -16.12
C LYS B 234 27.73 -4.84 -15.33
N PRO B 235 27.46 -3.56 -15.02
CA PRO B 235 26.29 -3.09 -14.31
C PRO B 235 25.01 -3.35 -15.08
N VAL B 236 23.94 -3.73 -14.38
CA VAL B 236 22.67 -3.97 -15.04
C VAL B 236 21.70 -3.07 -14.37
N THR B 237 20.95 -2.35 -15.15
CA THR B 237 20.06 -1.34 -14.58
C THR B 237 18.60 -1.71 -14.71
N ALA B 238 17.77 -0.98 -13.98
CA ALA B 238 16.34 -1.05 -14.15
C ALA B 238 15.92 -0.66 -15.58
N GLY B 239 16.69 0.24 -16.20
CA GLY B 239 16.51 0.66 -17.61
C GLY B 239 16.67 -0.56 -18.50
N ASP B 240 17.66 -1.39 -18.18
CA ASP B 240 17.90 -2.59 -18.96
C ASP B 240 16.73 -3.58 -18.88
N LEU B 241 15.93 -3.50 -17.84
CA LEU B 241 14.83 -4.47 -17.63
C LEU B 241 13.51 -3.84 -18.03
N GLU B 242 13.57 -2.63 -18.59
CA GLU B 242 12.37 -1.90 -18.99
C GLU B 242 11.34 -1.79 -17.86
N ALA B 243 11.82 -1.48 -16.68
CA ALA B 243 10.97 -1.38 -15.50
C ALA B 243 10.50 0.05 -15.25
N GLN B 244 11.25 1.05 -15.73
CA GLN B 244 11.04 2.42 -15.25
C GLN B 244 9.66 2.95 -15.55
N GLY B 245 9.04 2.47 -16.63
CA GLY B 245 7.71 3.00 -17.01
C GLY B 245 6.66 2.56 -16.03
N SER B 246 6.70 1.28 -15.69
CA SER B 246 5.80 0.68 -14.68
C SER B 246 5.99 1.29 -13.25
N MET B 247 7.25 1.45 -12.86
CA MET B 247 7.59 2.08 -11.58
C MET B 247 7.05 3.53 -11.53
N ALA B 248 7.22 4.26 -12.63
CA ALA B 248 6.67 5.61 -12.70
C ALA B 248 5.14 5.63 -12.67
N LEU B 249 4.51 4.70 -13.34
CA LEU B 249 3.07 4.60 -13.26
C LEU B 249 2.59 4.37 -11.82
N LEU B 250 3.27 3.52 -11.10
CA LEU B 250 2.89 3.24 -9.71
C LEU B 250 3.00 4.45 -8.79
N MET B 251 3.83 5.41 -9.20
CA MET B 251 4.11 6.63 -8.45
C MET B 251 3.41 7.85 -9.03
N LYS B 252 2.38 7.61 -9.83
CA LYS B 252 1.69 8.65 -10.57
C LYS B 252 1.08 9.66 -9.64
N ASP B 253 0.56 9.17 -8.53
CA ASP B 253 -0.08 10.00 -7.50
C ASP B 253 0.88 10.39 -6.36
N ALA B 254 1.82 9.52 -6.06
CA ALA B 254 2.68 9.75 -4.93
C ALA B 254 3.68 10.86 -5.20
N ILE B 255 3.92 11.17 -6.48
CA ILE B 255 4.72 12.30 -6.89
C ILE B 255 4.11 13.66 -6.45
N LYS B 256 2.81 13.72 -6.16
CA LYS B 256 2.17 14.97 -5.66
C LYS B 256 2.21 15.18 -4.16
N PRO B 257 2.59 16.38 -3.72
CA PRO B 257 2.73 16.56 -2.29
C PRO B 257 1.40 16.69 -1.58
N ASN B 258 1.43 16.46 -0.27
CA ASN B 258 0.20 16.38 0.49
C ASN B 258 0.00 17.61 1.35
N LEU B 259 -1.08 18.32 1.11
CA LEU B 259 -1.46 19.48 1.88
C LEU B 259 -2.20 19.11 3.15
N VAL B 260 -1.61 19.43 4.29
CA VAL B 260 -2.31 19.30 5.58
C VAL B 260 -2.19 20.63 6.32
N GLN B 261 -2.27 20.67 7.65
CA GLN B 261 -2.13 21.97 8.33
C GLN B 261 -1.59 21.83 9.71
N THR B 262 -1.23 22.98 10.30
CA THR B 262 -0.72 23.03 11.68
C THR B 262 -1.95 23.15 12.57
N LEU B 263 -1.76 23.16 13.90
CA LEU B 263 -2.94 23.22 14.81
C LEU B 263 -3.61 24.52 14.66
N GLU B 264 -2.83 25.56 14.39
CA GLU B 264 -3.37 26.91 14.19
C GLU B 264 -3.72 27.14 12.73
N ASN B 265 -3.86 26.06 11.94
CA ASN B 265 -4.32 26.12 10.52
C ASN B 265 -3.28 26.74 9.51
N THR B 266 -2.02 26.84 9.91
CA THR B 266 -1.02 27.27 8.93
C THR B 266 -0.84 26.11 7.96
N PRO B 267 -0.69 26.44 6.66
CA PRO B 267 -0.63 25.32 5.75
C PRO B 267 0.73 24.62 5.82
N ALA B 268 0.67 23.29 5.66
CA ALA B 268 1.81 22.42 5.70
C ALA B 268 1.77 21.46 4.53
N PHE B 269 2.95 21.12 4.01
CA PHE B 269 3.12 19.97 3.13
C PHE B 269 3.88 18.91 3.86
N ILE B 270 3.42 17.67 3.70
CA ILE B 270 4.19 16.50 4.10
C ILE B 270 4.34 15.64 2.85
N HIS B 271 5.59 15.34 2.52
CA HIS B 271 5.91 14.64 1.31
C HIS B 271 7.30 14.03 1.25
N GLY B 272 7.32 12.71 1.37
CA GLY B 272 8.54 11.90 1.30
C GLY B 272 9.11 11.75 2.67
N GLY B 273 10.10 10.88 2.81
CA GLY B 273 10.60 10.56 4.14
C GLY B 273 11.70 9.51 4.10
N PRO B 274 12.88 9.90 3.56
CA PRO B 274 14.01 9.01 3.35
C PRO B 274 14.84 8.91 4.60
N PHE B 275 15.78 7.96 4.62
CA PHE B 275 16.70 7.84 5.72
C PHE B 275 17.68 9.01 5.67
N ALA B 276 18.26 9.36 6.80
CA ALA B 276 19.28 10.45 6.83
C ALA B 276 20.75 10.03 6.93
N ASN B 277 21.01 8.72 6.90
CA ASN B 277 22.38 8.21 6.77
C ASN B 277 22.70 7.67 5.35
N ILE B 278 21.96 6.65 4.90
CA ILE B 278 22.22 6.11 3.56
C ILE B 278 21.52 6.99 2.53
N ALA B 279 20.82 8.03 2.99
CA ALA B 279 20.28 9.08 2.10
C ALA B 279 20.35 10.46 2.77
N HIS B 280 19.70 11.45 2.17
CA HIS B 280 19.93 12.85 2.50
C HIS B 280 18.97 13.40 3.53
N GLY B 281 17.84 12.74 3.76
CA GLY B 281 17.04 13.03 4.96
C GLY B 281 16.15 14.24 4.89
N CYS B 282 15.76 14.62 3.69
CA CYS B 282 14.93 15.81 3.51
C CYS B 282 13.57 15.42 2.97
N ASN B 283 12.58 16.31 3.08
CA ASN B 283 11.32 16.08 2.38
C ASN B 283 11.55 16.38 0.91
N SER B 284 10.58 16.14 0.06
CA SER B 284 10.80 16.22 -1.38
C SER B 284 11.14 17.63 -1.86
N ILE B 285 11.97 17.68 -2.88
CA ILE B 285 12.21 18.89 -3.67
C ILE B 285 10.92 19.44 -4.23
N ILE B 286 10.04 18.56 -4.67
CA ILE B 286 8.78 18.96 -5.23
C ILE B 286 7.94 19.80 -4.25
N ALA B 287 7.85 19.38 -2.99
CA ALA B 287 7.07 20.12 -1.99
C ALA B 287 7.71 21.48 -1.71
N THR B 288 9.01 21.51 -1.44
CA THR B 288 9.69 22.74 -1.11
C THR B 288 9.62 23.78 -2.24
N LYS B 289 9.83 23.34 -3.50
CA LYS B 289 9.80 24.22 -4.67
C LYS B 289 8.41 24.72 -4.98
N THR B 290 7.41 23.96 -4.63
CA THR B 290 6.03 24.42 -4.81
C THR B 290 5.71 25.43 -3.73
N ALA B 291 5.98 25.08 -2.48
CA ALA B 291 5.74 25.97 -1.36
C ALA B 291 6.42 27.34 -1.65
N LEU B 292 7.58 27.26 -2.29
CA LEU B 292 8.39 28.43 -2.57
C LEU B 292 7.76 29.39 -3.53
N LYS B 293 6.88 28.86 -4.37
CA LYS B 293 6.10 29.66 -5.28
C LYS B 293 4.83 30.14 -4.62
N LEU B 294 4.30 29.35 -3.66
CA LEU B 294 3.02 29.70 -3.02
C LEU B 294 3.20 30.65 -1.83
N ALA B 295 4.41 30.77 -1.32
CA ALA B 295 4.54 31.51 -0.09
C ALA B 295 5.75 32.44 -0.15
N ASP B 296 5.75 33.43 0.74
CA ASP B 296 6.88 34.33 0.86
C ASP B 296 7.97 33.68 1.67
N TYR B 297 7.60 32.76 2.56
CA TYR B 297 8.59 32.14 3.47
C TYR B 297 8.30 30.66 3.56
N VAL B 298 9.33 29.83 3.32
CA VAL B 298 9.20 28.37 3.42
C VAL B 298 10.13 27.85 4.52
N VAL B 299 9.55 27.07 5.43
CA VAL B 299 10.26 26.48 6.55
C VAL B 299 10.31 24.99 6.31
N THR B 300 11.51 24.42 6.39
CA THR B 300 11.66 22.99 6.17
C THR B 300 12.79 22.47 6.99
N GLU B 301 12.91 21.14 7.05
CA GLU B 301 13.99 20.54 7.84
C GLU B 301 14.62 19.30 7.23
N ALA B 302 15.69 18.83 7.90
CA ALA B 302 16.46 17.69 7.48
C ALA B 302 16.81 16.87 8.71
N GLY B 303 16.95 15.57 8.48
CA GLY B 303 17.07 14.61 9.55
C GLY B 303 18.43 14.69 10.21
N PHE B 304 18.48 14.20 11.45
CA PHE B 304 19.70 14.20 12.22
C PHE B 304 20.25 15.63 12.45
N GLY B 305 21.50 15.70 12.92
CA GLY B 305 22.20 16.93 13.30
C GLY B 305 22.67 17.68 12.08
N ALA B 306 23.18 18.88 12.30
CA ALA B 306 23.53 19.73 11.20
C ALA B 306 24.62 19.08 10.38
N ASP B 307 25.37 18.18 10.96
CA ASP B 307 26.51 17.59 10.26
C ASP B 307 26.13 16.60 9.14
N LEU B 308 24.92 16.04 9.23
CA LEU B 308 24.45 15.04 8.28
C LEU B 308 23.35 15.68 7.49
N GLY B 309 22.23 15.93 8.17
CA GLY B 309 21.07 16.57 7.57
C GLY B 309 21.30 17.86 6.85
N ALA B 310 21.90 18.82 7.53
CA ALA B 310 22.03 20.14 6.92
C ALA B 310 23.00 20.06 5.74
N GLU B 311 24.08 19.32 5.96
CA GLU B 311 25.12 19.25 4.96
C GLU B 311 24.56 18.65 3.68
N LYS B 312 23.72 17.61 3.84
CA LYS B 312 23.14 16.89 2.71
C LYS B 312 22.04 17.69 2.08
N PHE B 313 21.35 18.42 2.93
CA PHE B 313 20.39 19.37 2.43
C PHE B 313 21.09 20.39 1.53
N TYR B 314 22.21 20.95 1.96
CA TYR B 314 22.90 21.97 1.12
C TYR B 314 23.59 21.33 -0.12
N ASP B 315 24.20 20.19 0.10
CA ASP B 315 25.10 19.59 -0.90
C ASP B 315 24.44 18.60 -1.85
N VAL B 316 23.18 18.25 -1.56
CA VAL B 316 22.44 17.28 -2.36
C VAL B 316 21.17 17.97 -2.85
N LYS B 317 20.31 18.31 -1.89
CA LYS B 317 19.00 18.82 -2.23
C LYS B 317 19.07 20.19 -2.90
N CYS B 318 19.67 21.18 -2.23
CA CYS B 318 19.81 22.50 -2.91
C CYS B 318 20.63 22.41 -4.21
N ARG B 319 21.67 21.61 -4.24
CA ARG B 319 22.47 21.40 -5.44
C ARG B 319 21.58 20.95 -6.60
N TYR B 320 20.92 19.80 -6.45
CA TYR B 320 19.98 19.34 -7.52
C TYR B 320 18.90 20.30 -7.89
N ALA B 321 18.35 21.05 -6.91
CA ALA B 321 17.22 21.99 -7.18
C ALA B 321 17.67 23.40 -7.59
N GLY B 322 18.91 23.75 -7.30
CA GLY B 322 19.32 25.16 -7.49
C GLY B 322 18.64 26.10 -6.48
N PHE B 323 18.31 25.63 -5.27
CA PHE B 323 17.89 26.54 -4.19
C PHE B 323 19.09 27.20 -3.62
N LYS B 324 18.87 28.40 -3.11
CA LYS B 324 19.86 29.19 -2.37
C LYS B 324 19.17 29.60 -1.07
N PRO B 325 19.31 28.75 0.00
CA PRO B 325 18.78 28.99 1.37
C PRO B 325 19.14 30.38 1.88
N ASP B 326 18.19 31.03 2.51
CA ASP B 326 18.35 32.41 2.98
C ASP B 326 18.74 32.46 4.48
N ALA B 327 18.33 31.46 5.25
CA ALA B 327 18.63 31.41 6.71
C ALA B 327 18.56 29.97 7.15
N THR B 328 19.28 29.62 8.22
CA THR B 328 19.20 28.30 8.80
C THR B 328 19.11 28.44 10.31
N VAL B 329 18.09 27.79 10.89
CA VAL B 329 17.88 27.72 12.33
C VAL B 329 18.48 26.44 12.84
N ILE B 330 19.46 26.58 13.72
CA ILE B 330 19.98 25.48 14.51
C ILE B 330 19.23 25.39 15.85
N VAL B 331 18.47 24.32 16.01
CA VAL B 331 17.80 24.04 17.28
C VAL B 331 18.71 23.31 18.27
N ALA B 332 18.52 23.67 19.53
CA ALA B 332 19.34 23.14 20.64
C ALA B 332 18.55 23.15 21.95
N THR B 333 18.83 22.17 22.82
CA THR B 333 18.31 22.25 24.18
C THR B 333 19.43 22.22 25.17
N VAL B 334 19.04 22.53 26.41
CA VAL B 334 19.97 22.62 27.56
C VAL B 334 20.22 21.19 28.06
N ARG B 335 19.11 20.43 28.18
CA ARG B 335 19.17 19.01 28.49
C ARG B 335 20.17 18.30 27.56
N ALA B 336 20.03 18.54 26.25
CA ALA B 336 20.95 17.90 25.27
C ALA B 336 22.44 18.33 25.42
N LEU B 337 22.68 19.64 25.50
CA LEU B 337 24.07 20.15 25.55
C LEU B 337 24.79 19.69 26.81
N LYS B 338 23.99 19.56 27.89
CA LYS B 338 24.39 18.93 29.17
C LYS B 338 24.95 17.52 28.89
N MET B 339 24.18 16.68 28.23
CA MET B 339 24.70 15.32 27.84
C MET B 339 25.98 15.36 26.98
N HIS B 340 26.09 16.40 26.13
CA HIS B 340 27.32 16.61 25.35
C HIS B 340 28.40 17.05 26.32
N GLY B 341 27.98 17.72 27.40
CA GLY B 341 28.88 17.99 28.52
C GLY B 341 29.38 16.72 29.23
N GLY B 342 28.57 15.66 29.21
CA GLY B 342 28.85 14.42 29.94
C GLY B 342 27.81 14.01 30.97
N VAL B 343 26.73 14.77 31.10
CA VAL B 343 25.75 14.46 32.12
C VAL B 343 24.90 13.26 31.64
N PRO B 344 24.88 12.15 32.44
CA PRO B 344 24.05 10.99 32.06
C PRO B 344 22.57 11.33 32.10
N LYS B 345 21.79 10.66 31.24
CA LYS B 345 20.38 11.00 31.06
C LYS B 345 19.72 11.21 32.42
N SER B 346 20.06 10.37 33.40
CA SER B 346 19.39 10.35 34.72
C SER B 346 19.53 11.60 35.61
N ASP B 347 20.59 12.39 35.41
CA ASP B 347 20.85 13.58 36.26
C ASP B 347 20.50 14.93 35.60
N LEU B 348 19.81 14.92 34.47
CA LEU B 348 19.50 16.16 33.72
C LEU B 348 18.51 17.07 34.47
N ALA B 349 17.96 16.58 35.56
CA ALA B 349 17.04 17.37 36.37
C ALA B 349 17.86 18.33 37.25
N THR B 350 19.08 17.94 37.61
CA THR B 350 19.98 18.89 38.29
C THR B 350 20.30 20.03 37.32
N GLU B 351 20.69 21.20 37.86
CA GLU B 351 21.37 22.23 37.05
C GLU B 351 22.84 21.83 36.98
N ASN B 352 23.58 22.40 36.02
CA ASN B 352 25.03 22.21 35.95
C ASN B 352 25.66 23.12 34.89
N LEU B 353 26.09 24.31 35.31
CA LEU B 353 26.65 25.31 34.41
C LEU B 353 27.99 24.92 33.76
N GLU B 354 28.85 24.21 34.49
CA GLU B 354 30.14 23.81 33.93
C GLU B 354 29.97 22.80 32.77
N ALA B 355 29.03 21.85 32.91
CA ALA B 355 28.82 20.83 31.87
C ALA B 355 28.10 21.38 30.64
N LEU B 356 27.20 22.35 30.85
CA LEU B 356 26.54 23.10 29.75
C LEU B 356 27.55 23.98 28.97
N ARG B 357 28.55 24.48 29.68
CA ARG B 357 29.68 25.20 29.09
C ARG B 357 30.52 24.27 28.22
N GLU B 358 30.83 23.07 28.72
CA GLU B 358 31.67 22.15 27.96
C GLU B 358 30.89 21.61 26.76
N GLY B 359 29.60 21.33 26.94
CA GLY B 359 28.76 20.80 25.87
C GLY B 359 28.53 21.76 24.73
N PHE B 360 28.45 23.05 25.04
CA PHE B 360 28.29 24.10 24.01
C PHE B 360 29.20 23.93 22.76
N ALA B 361 30.38 23.37 22.95
CA ALA B 361 31.33 23.13 21.87
C ALA B 361 30.72 22.32 20.69
N ASN B 362 29.66 21.58 20.95
CA ASN B 362 28.91 20.90 19.87
C ASN B 362 28.17 21.95 19.01
N LEU B 363 27.28 22.66 19.67
CA LEU B 363 26.60 23.72 19.03
C LEU B 363 27.53 24.69 18.31
N GLU B 364 28.69 24.98 18.92
CA GLU B 364 29.63 25.97 18.37
C GLU B 364 30.15 25.50 17.01
N LYS B 365 30.46 24.21 16.89
CA LYS B 365 30.94 23.64 15.62
C LYS B 365 29.83 23.68 14.54
N HIS B 366 28.59 23.39 14.96
CA HIS B 366 27.51 23.38 14.01
C HIS B 366 27.38 24.77 13.41
N ILE B 367 27.33 25.78 14.30
CA ILE B 367 27.29 27.18 13.89
C ILE B 367 28.42 27.46 12.89
N GLU B 368 29.63 27.05 13.21
CA GLU B 368 30.75 27.31 12.29
C GLU B 368 30.45 26.64 10.98
N ASN B 369 29.98 25.40 11.10
CA ASN B 369 29.62 24.65 9.92
C ASN B 369 28.57 25.33 9.02
N ILE B 370 27.50 25.88 9.60
CA ILE B 370 26.53 26.56 8.76
C ILE B 370 27.21 27.70 7.98
N GLY B 371 28.08 28.45 8.68
CA GLY B 371 28.78 29.58 8.09
C GLY B 371 29.67 29.18 6.91
N LYS B 372 30.25 27.98 6.91
CA LYS B 372 31.02 27.53 5.72
C LYS B 372 30.13 27.40 4.45
N PHE B 373 28.80 27.33 4.59
CA PHE B 373 27.95 27.32 3.39
C PHE B 373 27.47 28.68 2.98
N GLY B 374 27.96 29.74 3.63
CA GLY B 374 27.48 31.11 3.34
C GLY B 374 26.04 31.41 3.78
N VAL B 375 25.52 30.63 4.74
CA VAL B 375 24.15 30.84 5.23
C VAL B 375 24.10 31.47 6.64
N PRO B 376 23.28 32.52 6.80
CA PRO B 376 23.18 33.07 8.14
C PRO B 376 22.46 32.13 9.14
N ALA B 377 23.19 31.70 10.16
CA ALA B 377 22.67 30.85 11.21
C ALA B 377 21.81 31.64 12.17
N VAL B 378 20.87 30.96 12.84
CA VAL B 378 20.09 31.52 13.95
C VAL B 378 19.75 30.41 14.98
N VAL B 379 20.25 30.54 16.22
CA VAL B 379 19.96 29.55 17.25
C VAL B 379 18.60 29.72 17.94
N ALA B 380 17.92 28.58 18.07
CA ALA B 380 16.74 28.42 18.90
C ALA B 380 17.03 27.44 20.08
N ILE B 381 17.15 27.98 21.29
CA ILE B 381 17.18 27.16 22.49
C ILE B 381 15.73 26.71 22.72
N ASN B 382 15.48 25.41 22.66
CA ASN B 382 14.15 24.86 22.92
C ASN B 382 13.99 24.80 24.45
N ALA B 383 13.03 25.56 24.98
CA ALA B 383 12.86 25.75 26.42
C ALA B 383 12.16 24.54 27.08
N PHE B 384 12.83 23.88 28.02
CA PHE B 384 12.23 22.77 28.80
C PHE B 384 12.05 23.17 30.28
N PRO B 385 10.80 23.24 30.78
CA PRO B 385 10.59 23.53 32.20
C PRO B 385 11.56 22.92 33.27
N THR B 386 12.55 22.10 32.90
CA THR B 386 13.64 21.73 33.83
C THR B 386 14.77 22.78 33.90
N ASP B 387 14.81 23.68 32.92
CA ASP B 387 15.99 24.53 32.69
C ASP B 387 16.00 25.70 33.65
N THR B 388 17.16 25.99 34.24
CA THR B 388 17.30 27.15 35.14
C THR B 388 17.70 28.42 34.38
N GLU B 389 17.11 29.56 34.77
CA GLU B 389 17.41 30.87 34.16
C GLU B 389 18.91 31.17 34.07
N ALA B 390 19.69 30.73 35.05
CA ALA B 390 21.13 30.85 34.94
C ALA B 390 21.66 29.96 33.79
N GLU B 391 21.10 28.76 33.63
CA GLU B 391 21.51 27.88 32.51
C GLU B 391 21.23 28.51 31.15
N LEU B 392 19.94 28.79 30.90
CA LEU B 392 19.51 29.51 29.70
C LEU B 392 20.43 30.72 29.43
N ASN B 393 20.60 31.59 30.43
CA ASN B 393 21.43 32.76 30.27
C ASN B 393 22.84 32.39 29.81
N LEU B 394 23.43 31.38 30.43
CA LEU B 394 24.78 31.01 30.06
C LEU B 394 24.82 30.66 28.58
N LEU B 395 23.76 30.00 28.13
CA LEU B 395 23.62 29.62 26.74
C LEU B 395 23.44 30.85 25.86
N TYR B 396 22.39 31.64 26.15
CA TYR B 396 22.19 32.94 25.48
C TYR B 396 23.55 33.55 25.25
N GLU B 397 24.29 33.74 26.35
CA GLU B 397 25.54 34.44 26.30
C GLU B 397 26.40 33.75 25.27
N LEU B 398 26.59 32.45 25.46
CA LEU B 398 27.54 31.69 24.67
C LEU B 398 27.31 31.79 23.17
N CYS B 399 26.08 31.59 22.73
CA CYS B 399 25.71 31.94 21.35
C CYS B 399 26.19 33.35 20.96
N ALA B 400 25.77 34.36 21.71
CA ALA B 400 26.25 35.74 21.49
C ALA B 400 27.78 35.93 21.46
N LYS B 401 28.52 35.18 22.29
CA LYS B 401 29.96 35.29 22.27
C LYS B 401 30.50 34.53 21.07
N ALA B 402 29.86 33.42 20.70
CA ALA B 402 30.26 32.68 19.51
C ALA B 402 29.82 33.45 18.25
N GLY B 403 29.02 34.49 18.43
CA GLY B 403 28.75 35.45 17.38
C GLY B 403 27.42 35.34 16.70
N ALA B 404 26.54 34.45 17.17
CA ALA B 404 25.29 34.14 16.44
C ALA B 404 24.02 34.71 17.08
N GLU B 405 23.04 35.05 16.24
CA GLU B 405 21.71 35.37 16.75
C GLU B 405 21.18 34.15 17.49
N VAL B 406 20.36 34.40 18.50
CA VAL B 406 19.70 33.31 19.23
C VAL B 406 18.41 33.80 19.87
N ALA B 407 17.41 32.93 19.91
CA ALA B 407 16.18 33.23 20.62
C ALA B 407 15.76 32.03 21.50
N LEU B 408 14.98 32.32 22.53
CA LEU B 408 14.25 31.31 23.28
C LEU B 408 12.93 31.02 22.55
N SER B 409 12.56 29.74 22.54
CA SER B 409 11.41 29.19 21.80
C SER B 409 10.53 28.37 22.80
N GLU B 410 9.29 28.85 23.05
CA GLU B 410 8.33 28.19 23.97
C GLU B 410 7.07 27.77 23.23
N VAL B 411 7.33 27.19 22.06
CA VAL B 411 6.27 26.82 21.10
C VAL B 411 5.60 25.49 21.51
N TRP B 412 6.37 24.60 22.12
CA TRP B 412 5.81 23.40 22.71
C TRP B 412 4.66 23.69 23.68
N ALA B 413 4.91 24.68 24.55
CA ALA B 413 4.01 25.09 25.63
C ALA B 413 2.99 26.12 25.19
N LYS B 414 3.44 27.13 24.44
CA LYS B 414 2.60 28.27 24.05
C LYS B 414 2.14 28.40 22.58
N GLY B 415 2.55 27.48 21.70
CA GLY B 415 2.18 27.56 20.28
C GLY B 415 2.96 28.65 19.55
N GLY B 416 2.33 29.18 18.49
CA GLY B 416 2.89 30.27 17.66
C GLY B 416 3.42 31.51 18.38
N GLU B 417 2.73 31.98 19.45
CA GLU B 417 3.29 33.04 20.35
C GLU B 417 4.61 32.60 21.00
N GLY B 418 4.74 31.31 21.34
CA GLY B 418 6.02 30.75 21.77
C GLY B 418 7.21 31.02 20.86
N GLY B 419 6.97 31.52 19.65
CA GLY B 419 7.97 31.53 18.58
C GLY B 419 8.19 32.85 17.91
N LEU B 420 7.39 33.83 18.32
CA LEU B 420 7.51 35.23 17.84
C LEU B 420 8.90 35.87 17.98
N GLU B 421 9.63 35.58 19.06
CA GLU B 421 10.94 36.16 19.29
C GLU B 421 11.88 35.63 18.23
N LEU B 422 11.95 34.30 18.17
CA LEU B 422 12.64 33.58 17.11
C LEU B 422 12.30 34.11 15.74
N ALA B 423 11.00 34.17 15.44
CA ALA B 423 10.56 34.56 14.10
C ALA B 423 10.90 36.05 13.79
N ARG B 424 11.27 36.80 14.81
CA ARG B 424 11.58 38.21 14.57
C ARG B 424 13.09 38.27 14.16
N LYS B 425 13.95 37.55 14.89
CA LYS B 425 15.37 37.34 14.49
C LYS B 425 15.52 36.73 13.09
N VAL B 426 14.71 35.71 12.79
CA VAL B 426 14.70 35.14 11.44
C VAL B 426 14.40 36.21 10.40
N LEU B 427 13.23 36.83 10.52
CA LEU B 427 12.86 37.95 9.64
C LEU B 427 13.91 39.08 9.62
N GLN B 428 14.54 39.35 10.78
CA GLN B 428 15.49 40.41 10.90
C GLN B 428 16.73 39.98 10.18
N THR B 429 16.95 38.66 10.17
CA THR B 429 18.15 38.10 9.54
C THR B 429 17.95 38.08 8.03
N LEU B 430 16.71 37.80 7.60
CA LEU B 430 16.34 37.87 6.18
C LEU B 430 16.34 39.30 5.65
N GLU B 431 15.65 40.20 6.34
CA GLU B 431 15.60 41.61 5.90
C GLU B 431 17.02 42.14 5.69
N SER B 432 17.93 41.87 6.62
CA SER B 432 19.20 42.59 6.63
C SER B 432 20.50 41.74 6.74
N ARG B 433 20.41 40.44 6.46
CA ARG B 433 21.59 39.58 6.39
C ARG B 433 21.42 38.60 5.23
N PRO B 434 21.85 39.01 4.02
CA PRO B 434 21.61 38.20 2.83
C PRO B 434 22.61 37.04 2.76
N SER B 435 22.14 35.80 2.62
CA SER B 435 23.05 34.64 2.58
C SER B 435 23.91 34.69 1.33
N ASN B 436 25.05 34.03 1.38
CA ASN B 436 25.94 33.86 0.24
C ASN B 436 26.14 32.36 0.00
N PHE B 437 25.03 31.63 -0.13
CA PHE B 437 25.02 30.16 -0.13
C PHE B 437 25.92 29.55 -1.19
N HIS B 438 26.63 28.51 -0.82
CA HIS B 438 27.43 27.79 -1.79
C HIS B 438 27.66 26.41 -1.21
N VAL B 439 27.52 25.40 -2.04
CA VAL B 439 27.87 24.00 -1.70
C VAL B 439 29.31 23.89 -1.24
N LEU B 440 29.59 22.82 -0.51
CA LEU B 440 30.90 22.61 0.07
C LEU B 440 31.93 22.11 -0.93
N TYR B 441 31.52 21.40 -1.97
CA TYR B 441 32.49 20.82 -2.89
C TYR B 441 31.95 20.80 -4.31
N ASN B 442 32.87 20.73 -5.26
CA ASN B 442 32.53 20.59 -6.67
C ASN B 442 32.41 19.12 -7.01
N LEU B 443 31.51 18.82 -7.94
CA LEU B 443 31.25 17.43 -8.31
C LEU B 443 32.45 16.81 -9.05
N ASP B 444 33.34 17.65 -9.55
CA ASP B 444 34.49 17.20 -10.33
C ASP B 444 35.65 16.64 -9.53
N LEU B 445 35.54 16.62 -8.21
CA LEU B 445 36.65 16.11 -7.41
C LEU B 445 36.61 14.58 -7.41
N SER B 446 37.70 13.92 -7.05
CA SER B 446 37.64 12.47 -6.92
C SER B 446 36.65 12.20 -5.80
N ILE B 447 36.32 10.93 -5.60
CA ILE B 447 35.47 10.53 -4.53
C ILE B 447 36.19 10.76 -3.21
N LYS B 448 37.41 10.27 -3.08
CA LYS B 448 38.14 10.44 -1.82
C LYS B 448 38.30 11.93 -1.42
N ASP B 449 38.46 12.84 -2.44
CA ASP B 449 38.63 14.27 -2.15
C ASP B 449 37.36 14.81 -1.50
N LYS B 450 36.21 14.40 -2.03
CA LYS B 450 34.92 14.90 -1.57
C LYS B 450 34.56 14.44 -0.13
N ILE B 451 34.95 13.19 0.19
CA ILE B 451 34.73 12.63 1.50
C ILE B 451 35.64 13.29 2.55
N ALA B 452 36.95 13.30 2.25
CA ALA B 452 37.98 14.06 2.99
C ALA B 452 37.49 15.47 3.34
N LYS B 453 36.86 16.13 2.36
CA LYS B 453 36.49 17.52 2.55
C LYS B 453 35.27 17.65 3.47
N ILE B 454 34.43 16.60 3.54
CA ILE B 454 33.28 16.60 4.44
C ILE B 454 33.80 16.23 5.82
N ALA B 455 34.70 15.25 5.81
CA ALA B 455 35.23 14.68 7.02
C ALA B 455 36.12 15.67 7.84
N THR B 456 36.83 16.53 7.12
CA THR B 456 37.77 17.44 7.80
C THR B 456 37.08 18.77 8.04
N GLU B 457 36.33 19.24 7.05
CA GLU B 457 35.74 20.56 7.16
C GLU B 457 34.50 20.59 8.06
N ILE B 458 33.71 19.51 8.06
CA ILE B 458 32.40 19.52 8.74
C ILE B 458 32.42 18.70 10.00
N TYR B 459 33.18 17.60 10.03
CA TYR B 459 33.23 16.77 11.20
C TYR B 459 34.45 17.12 12.03
N GLY B 460 35.36 17.91 11.47
CA GLY B 460 36.61 18.25 12.18
C GLY B 460 37.51 17.06 12.39
N ALA B 461 37.50 16.12 11.46
CA ALA B 461 38.42 15.00 11.56
C ALA B 461 39.82 15.34 11.06
N ASP B 462 40.83 14.68 11.57
CA ASP B 462 42.19 14.82 11.04
C ASP B 462 42.36 14.25 9.63
N GLY B 463 41.41 13.45 9.19
CA GLY B 463 41.53 12.70 7.94
C GLY B 463 40.65 11.45 7.93
N VAL B 464 40.87 10.60 6.92
CA VAL B 464 39.95 9.50 6.60
C VAL B 464 40.75 8.27 6.23
N ASN B 465 40.34 7.10 6.70
CA ASN B 465 41.01 5.85 6.32
C ASN B 465 40.06 4.98 5.53
N TYR B 466 40.58 4.07 4.70
CA TYR B 466 39.72 3.21 3.89
C TYR B 466 40.07 1.76 4.02
N THR B 467 39.08 0.88 4.05
CA THR B 467 39.39 -0.57 4.08
C THR B 467 39.73 -0.96 2.65
N ALA B 468 40.27 -2.17 2.43
CA ALA B 468 40.65 -2.58 1.06
C ALA B 468 39.41 -2.69 0.15
N GLU B 469 38.30 -3.17 0.74
CA GLU B 469 37.05 -3.37 0.03
C GLU B 469 36.44 -2.02 -0.33
N ALA B 470 36.46 -1.06 0.60
CA ALA B 470 36.10 0.32 0.21
C ALA B 470 37.00 0.87 -0.91
N ASP B 471 38.27 0.48 -0.92
CA ASP B 471 39.16 0.98 -1.99
C ASP B 471 38.73 0.42 -3.36
N LYS B 472 38.63 -0.92 -3.35
CA LYS B 472 38.09 -1.70 -4.47
C LYS B 472 36.73 -1.13 -4.92
N ALA B 473 35.80 -0.98 -4.00
CA ALA B 473 34.48 -0.42 -4.39
C ALA B 473 34.61 0.93 -5.05
N ILE B 474 35.53 1.78 -4.57
CA ILE B 474 35.66 3.15 -5.11
C ILE B 474 36.29 3.09 -6.48
N GLN B 475 37.35 2.32 -6.60
CA GLN B 475 38.05 2.25 -7.86
C GLN B 475 37.09 1.83 -8.96
N ARG B 476 36.26 0.83 -8.67
CA ARG B 476 35.29 0.35 -9.66
C ARG B 476 34.25 1.38 -10.00
N TYR B 477 33.63 2.01 -9.01
CA TYR B 477 32.62 3.03 -9.33
C TYR B 477 33.19 4.17 -10.20
N GLU B 478 34.48 4.47 -10.00
CA GLU B 478 35.10 5.54 -10.77
C GLU B 478 35.32 5.06 -12.20
N SER B 479 35.88 3.87 -12.32
CA SER B 479 35.99 3.13 -13.57
C SER B 479 34.66 3.04 -14.34
N LEU B 480 33.51 2.91 -13.63
CA LEU B 480 32.20 2.82 -14.31
C LEU B 480 31.49 4.15 -14.52
N GLY B 481 32.21 5.24 -14.35
CA GLY B 481 31.66 6.57 -14.65
C GLY B 481 30.78 7.19 -13.60
N TYR B 482 30.97 6.85 -12.33
CA TYR B 482 30.10 7.34 -11.25
C TYR B 482 30.84 8.27 -10.26
N GLY B 483 32.10 8.59 -10.59
CA GLY B 483 32.98 9.39 -9.73
C GLY B 483 32.64 10.88 -9.64
N ASN B 484 31.73 11.35 -10.52
CA ASN B 484 31.30 12.78 -10.51
C ASN B 484 30.05 13.08 -9.69
N LEU B 485 29.62 12.14 -8.84
CA LEU B 485 28.41 12.29 -8.09
C LEU B 485 28.71 12.84 -6.69
N PRO B 486 27.69 13.50 -6.07
CA PRO B 486 27.68 13.88 -4.64
C PRO B 486 27.85 12.70 -3.74
N VAL B 487 28.58 12.86 -2.63
CA VAL B 487 28.76 11.81 -1.59
C VAL B 487 27.75 12.00 -0.46
N VAL B 488 27.25 10.90 0.05
CA VAL B 488 26.22 10.96 1.10
C VAL B 488 26.70 10.05 2.17
N MET B 489 27.26 10.65 3.22
CA MET B 489 27.93 9.81 4.26
C MET B 489 26.96 9.08 5.17
N ALA B 490 27.08 7.75 5.20
CA ALA B 490 26.35 6.94 6.12
C ALA B 490 27.20 6.60 7.35
N LYS B 491 26.83 7.19 8.49
CA LYS B 491 27.70 7.33 9.63
C LYS B 491 26.78 7.37 10.80
N THR B 492 27.28 7.18 12.00
CA THR B 492 26.47 7.49 13.17
C THR B 492 26.14 8.97 13.31
N GLN B 493 24.97 9.24 13.88
CA GLN B 493 24.47 10.61 13.98
C GLN B 493 24.73 11.29 15.32
N TYR B 494 25.23 10.47 16.25
CA TYR B 494 25.43 10.77 17.67
C TYR B 494 26.86 11.18 18.04
N SER B 495 27.58 11.69 17.05
CA SER B 495 28.92 12.19 17.20
C SER B 495 29.31 12.75 15.87
N PHE B 496 30.10 13.82 15.84
CA PHE B 496 30.75 14.26 14.59
C PHE B 496 31.69 13.13 14.13
N SER B 497 32.15 12.30 15.03
CA SER B 497 33.10 11.24 14.64
C SER B 497 32.32 9.99 14.26
N ASP B 498 32.99 8.93 13.86
CA ASP B 498 32.28 7.72 13.48
C ASP B 498 32.13 6.79 14.65
N ASP B 499 32.63 7.21 15.80
CA ASP B 499 32.44 6.48 17.03
C ASP B 499 31.34 7.19 17.81
N MET B 500 30.33 6.44 18.21
CA MET B 500 29.10 7.05 18.77
C MET B 500 29.29 7.42 20.24
N THR B 501 30.31 6.84 20.89
CA THR B 501 30.60 7.22 22.28
C THR B 501 31.17 8.66 22.38
N LYS B 502 31.76 9.20 21.30
CA LYS B 502 32.39 10.51 21.34
C LYS B 502 31.42 11.62 21.10
N LEU B 503 30.99 12.27 22.16
CA LEU B 503 30.01 13.34 22.08
C LEU B 503 30.73 14.67 21.86
N GLY B 504 30.21 15.77 22.34
CA GLY B 504 30.94 17.04 22.25
C GLY B 504 31.48 17.45 20.89
N ARG B 505 32.78 17.79 20.87
CA ARG B 505 33.51 18.21 19.66
CA ARG B 505 33.51 18.22 19.67
C ARG B 505 34.83 17.48 19.69
N PRO B 506 34.81 16.18 19.35
CA PRO B 506 36.05 15.43 19.49
C PRO B 506 37.16 15.88 18.53
N ARG B 507 38.40 15.89 19.02
CA ARG B 507 39.58 16.30 18.23
C ARG B 507 40.48 15.10 18.07
N ASN B 508 41.43 15.23 17.16
CA ASN B 508 42.51 14.26 16.99
C ASN B 508 42.02 12.84 16.69
N PHE B 509 41.12 12.72 15.72
CA PHE B 509 40.54 11.42 15.36
C PHE B 509 40.47 11.32 13.82
N THR B 510 40.18 10.03 13.37
CA THR B 510 40.02 9.79 11.93
C THR B 510 38.69 9.08 11.62
N ILE B 511 38.16 9.27 10.42
CA ILE B 511 36.99 8.54 9.94
C ILE B 511 37.50 7.36 9.09
N THR B 512 37.09 6.14 9.43
CA THR B 512 37.33 4.97 8.57
C THR B 512 36.10 4.69 7.67
N VAL B 513 36.27 4.74 6.35
CA VAL B 513 35.28 4.17 5.44
C VAL B 513 35.49 2.64 5.30
N ARG B 514 34.50 1.85 5.76
CA ARG B 514 34.53 0.42 5.65
C ARG B 514 33.95 -0.10 4.34
N GLU B 515 32.94 0.54 3.80
CA GLU B 515 32.23 0.01 2.65
C GLU B 515 31.75 1.19 1.90
N VAL B 516 31.59 1.06 0.58
CA VAL B 516 30.97 2.10 -0.24
C VAL B 516 29.91 1.52 -1.19
N ARG B 517 28.70 2.13 -1.23
CA ARG B 517 27.63 1.66 -2.11
C ARG B 517 27.22 2.77 -3.07
N LEU B 518 26.23 2.47 -3.90
CA LEU B 518 25.88 3.33 -5.01
C LEU B 518 24.42 3.41 -5.09
N SER B 519 23.94 4.63 -5.27
CA SER B 519 22.55 4.87 -5.54
C SER B 519 22.49 5.66 -6.84
N ALA B 520 22.47 4.96 -7.96
CA ALA B 520 22.66 5.61 -9.27
C ALA B 520 21.41 6.31 -9.74
N GLY B 521 20.27 5.80 -9.26
CA GLY B 521 19.05 6.45 -9.49
C GLY B 521 18.90 7.73 -8.69
N ALA B 522 19.22 7.73 -7.41
CA ALA B 522 19.06 8.93 -6.57
C ALA B 522 20.16 9.94 -6.96
N GLY B 523 21.28 9.41 -7.43
CA GLY B 523 22.29 10.25 -8.02
C GLY B 523 23.41 10.40 -7.02
N PHE B 524 23.67 9.40 -6.19
CA PHE B 524 24.79 9.58 -5.26
C PHE B 524 25.48 8.34 -4.79
N ILE B 525 26.68 8.57 -4.25
CA ILE B 525 27.60 7.61 -3.67
C ILE B 525 27.51 7.64 -2.14
N VAL B 526 27.60 6.47 -1.53
CA VAL B 526 27.26 6.31 -0.12
C VAL B 526 28.38 5.61 0.58
N PRO B 527 29.33 6.38 1.09
CA PRO B 527 30.33 5.80 1.94
C PRO B 527 29.75 5.47 3.32
N ILE B 528 30.18 4.35 3.87
CA ILE B 528 29.60 3.79 5.09
C ILE B 528 30.69 3.56 6.11
N THR B 529 30.51 4.11 7.32
CA THR B 529 31.52 3.98 8.38
C THR B 529 31.27 2.87 9.41
N GLY B 530 30.09 2.32 9.48
CA GLY B 530 29.87 1.14 10.33
C GLY B 530 28.53 0.55 9.90
N ALA B 531 28.04 -0.43 10.63
CA ALA B 531 26.82 -1.14 10.18
C ALA B 531 25.68 -0.17 10.26
N ILE B 532 24.84 -0.12 9.23
CA ILE B 532 23.70 0.69 9.24
C ILE B 532 22.46 -0.20 9.32
N MET B 533 21.53 0.16 10.20
CA MET B 533 20.38 -0.68 10.36
C MET B 533 19.30 -0.24 9.42
N THR B 534 18.97 -1.05 8.43
CA THR B 534 18.02 -0.63 7.40
C THR B 534 16.72 -1.39 7.55
N MET B 535 16.68 -2.34 8.48
CA MET B 535 15.43 -2.98 8.92
C MET B 535 15.44 -3.10 10.47
N PRO B 536 14.94 -2.07 11.18
CA PRO B 536 14.73 -2.15 12.65
C PRO B 536 13.76 -3.27 13.02
N GLY B 537 13.93 -3.80 14.22
CA GLY B 537 13.08 -4.83 14.76
C GLY B 537 12.05 -4.33 15.77
N LEU B 538 11.04 -5.15 16.02
CA LEU B 538 10.08 -4.90 17.08
C LEU B 538 10.73 -5.12 18.46
N PRO B 539 10.20 -4.49 19.52
CA PRO B 539 10.74 -4.70 20.86
C PRO B 539 10.10 -5.90 21.59
N LYS B 540 10.51 -6.18 22.84
CA LYS B 540 10.00 -7.36 23.58
C LYS B 540 8.51 -7.29 23.81
N ARG B 541 8.03 -6.07 24.07
CA ARG B 541 6.63 -5.75 24.29
C ARG B 541 6.20 -4.66 23.27
N PRO B 542 5.89 -5.05 22.04
CA PRO B 542 5.51 -4.06 21.03
C PRO B 542 4.25 -3.27 21.38
N ALA B 543 4.24 -2.00 20.98
CA ALA B 543 3.00 -1.22 21.01
C ALA B 543 1.83 -2.00 20.42
N ALA B 544 2.02 -2.74 19.32
CA ALA B 544 0.90 -3.49 18.68
C ALA B 544 0.05 -4.28 19.69
N CYS B 545 0.73 -4.94 20.62
CA CYS B 545 0.03 -5.72 21.64
C CYS B 545 -1.02 -4.94 22.43
N ASN B 546 -0.79 -3.65 22.70
CA ASN B 546 -1.78 -2.81 23.43
C ASN B 546 -2.59 -1.88 22.59
N ILE B 547 -2.43 -1.93 21.28
CA ILE B 547 -3.28 -1.13 20.44
C ILE B 547 -4.66 -1.75 20.32
N ASP B 548 -5.68 -0.93 20.35
CA ASP B 548 -7.05 -1.41 20.22
C ASP B 548 -7.92 -0.28 19.67
N ILE B 549 -9.05 -0.66 19.10
CA ILE B 549 -9.98 0.31 18.58
C ILE B 549 -11.35 -0.27 18.84
N ASP B 550 -12.20 0.56 19.41
CA ASP B 550 -13.45 0.07 19.91
C ASP B 550 -14.62 0.42 18.98
N ALA B 551 -15.84 0.04 19.40
CA ALA B 551 -17.02 0.07 18.54
C ALA B 551 -17.29 1.52 18.13
N ASP B 552 -16.81 2.47 18.92
CA ASP B 552 -17.09 3.90 18.67
C ASP B 552 -15.95 4.53 17.85
N GLY B 553 -14.94 3.76 17.51
CA GLY B 553 -13.84 4.25 16.70
C GLY B 553 -12.66 4.85 17.47
N VAL B 554 -12.82 5.00 18.80
CA VAL B 554 -11.73 5.38 19.75
C VAL B 554 -10.62 4.38 19.85
N ILE B 555 -9.41 4.93 19.73
CA ILE B 555 -8.23 4.18 19.52
C ILE B 555 -7.46 4.34 20.78
N THR B 556 -6.84 3.26 21.27
CA THR B 556 -6.01 3.30 22.46
C THR B 556 -4.70 2.58 22.19
N GLY B 557 -3.68 2.95 22.94
CA GLY B 557 -2.36 2.31 22.84
C GLY B 557 -1.50 2.85 21.71
N LEU B 558 -2.04 3.73 20.87
CA LEU B 558 -1.28 4.10 19.66
C LEU B 558 -0.25 5.19 19.88
N PHE B 559 -0.48 6.09 20.85
CA PHE B 559 0.45 7.26 20.96
C PHE B 559 1.14 7.48 22.31
#